data_2CJB
#
_entry.id   2CJB
#
_cell.length_a   96.933
_cell.length_b   96.933
_cell.length_c   270.503
_cell.angle_alpha   90.00
_cell.angle_beta   90.00
_cell.angle_gamma   120.00
#
_symmetry.space_group_name_H-M   'P 32 2 1'
#
loop_
_entity.id
_entity.type
_entity.pdbx_description
1 polymer 'SERYL-TRNA SYNTHETASE'
2 non-polymer SERINE
3 non-polymer 'ZINC ION'
4 non-polymer 'CHLORIDE ION'
5 water water
#
_entity_poly.entity_id   1
_entity_poly.type   'polypeptide(L)'
_entity_poly.pdbx_seq_one_letter_code
;MGSSHHHHHHSSGLVPRGSHMKLQFNLKAYFKTSADPTPAKDAIAALFEEANSTLLTRGAPEGQGAKVTEWKLGEDRIEL
TLQSGRYVRVHDAIFRLRKQLAEALGKKYKIGIRGIEVESFIIKVPADHELRMLKVPYIKSMENIEGGIQLELEVGEAEM
KNRVPDRILTLLEEKIEAAQYGAKAEHWNLLWQREPMEHPFKEDPTQAMMKEGWLKRGSSRGQWIHGPQSARIFRTFEKI
VLEELLEPLGYREMIFPKLVTWEVWMKSGHAKGVYPEIYYVCPPQTRDPDYWEEVADYYKVTHEVPTKLIKEKIAEPIGG
MCYAQCPPFWMYVAGETLPNEEIPVKVFDRSGTSHRYESGGIHGIERVDEFHRIEIVWIGTKEEVLKCAEELHDRYMHIF
NDILDIEWRKARVTPWFMAQEGLLGLAEENTVGTTDYEACLPYRGPDGEWLEFQNVSINGDKYPKGFNVKLQSGDELWSG
CSGVGLERWAAVFLAQKGLDPANWPEEFRNRVGEMPKGIRFL
;
_entity_poly.pdbx_strand_id   A,B
#
# COMPACT_ATOMS: atom_id res chain seq x y z
N SER A 19 -42.19 -8.12 27.30
CA SER A 19 -43.48 -7.56 26.82
C SER A 19 -43.30 -6.90 25.45
N HIS A 20 -44.09 -7.33 24.47
CA HIS A 20 -43.90 -6.93 23.06
C HIS A 20 -45.09 -6.18 22.45
N MET A 21 -44.82 -5.52 21.31
CA MET A 21 -45.81 -4.70 20.61
C MET A 21 -45.75 -4.93 19.09
N LYS A 22 -46.57 -4.19 18.35
CA LYS A 22 -46.66 -4.32 16.89
C LYS A 22 -45.74 -3.38 16.06
N LEU A 23 -46.23 -2.91 14.93
CA LEU A 23 -45.38 -2.58 13.78
C LEU A 23 -45.62 -1.23 13.08
N GLN A 24 -46.79 -0.65 13.35
CA GLN A 24 -47.35 0.50 12.61
C GLN A 24 -46.42 1.49 11.89
N PHE A 25 -46.81 1.82 10.66
CA PHE A 25 -46.28 2.93 9.89
C PHE A 25 -47.26 4.10 9.99
N ASN A 26 -46.74 5.34 9.95
CA ASN A 26 -47.58 6.53 9.99
C ASN A 26 -47.01 7.67 9.15
N LEU A 27 -47.78 8.19 8.21
CA LEU A 27 -47.29 9.26 7.34
C LEU A 27 -48.25 10.45 7.26
N LYS A 28 -47.66 11.64 7.26
CA LYS A 28 -48.38 12.87 6.98
C LYS A 28 -47.79 13.47 5.71
N ALA A 29 -48.60 13.55 4.66
CA ALA A 29 -48.14 14.04 3.36
C ALA A 29 -49.23 14.74 2.55
N TYR A 30 -48.83 15.74 1.77
CA TYR A 30 -49.76 16.47 0.90
C TYR A 30 -49.47 16.28 -0.59
N PHE A 31 -50.54 16.23 -1.40
CA PHE A 31 -50.44 16.15 -2.86
C PHE A 31 -50.47 17.54 -3.49
N LYS A 32 -49.44 17.86 -4.25
CA LYS A 32 -49.41 19.11 -5.01
C LYS A 32 -49.70 18.85 -6.49
N THR A 33 -50.96 19.05 -6.87
CA THR A 33 -51.40 18.91 -8.27
C THR A 33 -52.37 20.03 -8.66
N LYS A 41 -64.00 17.63 -4.24
CA LYS A 41 -64.56 17.86 -2.92
C LYS A 41 -65.56 16.77 -2.55
N ASP A 42 -66.59 16.59 -3.39
CA ASP A 42 -67.59 15.54 -3.22
C ASP A 42 -67.12 14.18 -3.74
N ALA A 43 -66.62 14.18 -4.97
CA ALA A 43 -66.04 12.97 -5.58
C ALA A 43 -64.83 12.47 -4.77
N ILE A 44 -64.09 13.41 -4.18
CA ILE A 44 -62.98 13.11 -3.28
C ILE A 44 -63.49 12.46 -1.99
N ALA A 45 -64.65 12.91 -1.50
CA ALA A 45 -65.24 12.40 -0.26
C ALA A 45 -65.76 10.96 -0.35
N ALA A 46 -65.87 10.43 -1.56
CA ALA A 46 -66.35 9.07 -1.78
C ALA A 46 -65.22 8.04 -1.68
N LEU A 47 -63.98 8.50 -1.82
CA LEU A 47 -62.81 7.61 -1.84
C LEU A 47 -62.40 7.09 -0.45
N PHE A 48 -62.91 7.71 0.61
CA PHE A 48 -62.66 7.26 1.98
C PHE A 48 -63.25 5.87 2.21
N GLU A 49 -64.53 5.72 1.90
CA GLU A 49 -65.21 4.42 1.92
C GLU A 49 -64.50 3.42 1.01
N GLU A 50 -64.09 3.91 -0.15
CA GLU A 50 -63.48 3.09 -1.20
C GLU A 50 -62.11 2.50 -0.85
N ALA A 51 -61.14 3.38 -0.56
CA ALA A 51 -59.76 2.97 -0.33
C ALA A 51 -59.59 2.04 0.85
N ASN A 52 -60.41 2.22 1.88
CA ASN A 52 -60.31 1.44 3.11
C ASN A 52 -61.09 0.13 3.06
N SER A 53 -61.71 -0.13 1.91
CA SER A 53 -62.49 -1.35 1.70
C SER A 53 -61.75 -2.45 0.93
N THR A 54 -61.23 -2.12 -0.26
CA THR A 54 -60.60 -3.12 -1.16
C THR A 54 -59.28 -2.68 -1.84
N LEU A 55 -59.15 -1.39 -2.17
CA LEU A 55 -57.96 -0.88 -2.87
C LEU A 55 -56.68 -1.04 -2.05
N LEU A 56 -56.76 -0.76 -0.76
CA LEU A 56 -55.61 -0.84 0.15
C LEU A 56 -55.67 -2.04 1.12
N THR A 57 -56.67 -2.91 0.94
CA THR A 57 -56.71 -4.21 1.60
C THR A 57 -56.23 -5.25 0.59
N ARG A 58 -55.35 -4.80 -0.30
CA ARG A 58 -54.83 -5.59 -1.41
C ARG A 58 -53.90 -6.71 -0.94
N GLY A 59 -52.60 -6.45 -0.88
CA GLY A 59 -51.61 -7.45 -0.48
C GLY A 59 -51.58 -7.70 1.02
N ALA A 60 -52.75 -7.67 1.64
CA ALA A 60 -52.90 -7.89 3.09
C ALA A 60 -54.31 -8.39 3.41
N PRO A 61 -54.40 -9.52 4.16
CA PRO A 61 -55.68 -10.01 4.70
C PRO A 61 -56.47 -8.96 5.49
N GLU A 62 -57.78 -9.24 5.67
CA GLU A 62 -58.78 -8.29 6.20
C GLU A 62 -58.34 -7.48 7.42
N GLY A 63 -58.62 -6.18 7.40
CA GLY A 63 -58.41 -5.32 8.55
C GLY A 63 -57.08 -4.58 8.60
N GLN A 64 -55.98 -5.31 8.39
CA GLN A 64 -54.64 -4.75 8.47
C GLN A 64 -54.32 -3.75 7.36
N GLY A 65 -54.75 -4.08 6.13
CA GLY A 65 -54.58 -3.26 4.93
C GLY A 65 -53.95 -1.89 5.12
N ALA A 66 -54.79 -0.85 5.18
CA ALA A 66 -54.32 0.50 5.45
C ALA A 66 -55.43 1.39 6.02
N THR A 69 -56.92 7.95 8.21
CA THR A 69 -57.82 8.63 9.18
C THR A 69 -58.24 10.02 8.68
N GLU A 70 -57.46 11.05 9.04
CA GLU A 70 -57.82 12.43 8.76
C GLU A 70 -57.67 12.80 7.28
N TRP A 71 -58.65 13.54 6.76
CA TRP A 71 -58.53 14.18 5.46
C TRP A 71 -57.59 15.38 5.61
N ASP A 76 -53.81 22.14 -5.55
CA ASP A 76 -52.71 22.78 -4.85
C ASP A 76 -52.32 22.02 -3.58
N ARG A 77 -53.27 21.86 -2.65
CA ARG A 77 -52.98 21.28 -1.34
C ARG A 77 -54.10 20.43 -0.71
N ILE A 78 -53.92 19.11 -0.81
CA ILE A 78 -54.68 18.13 -0.02
C ILE A 78 -53.72 17.74 1.12
N GLU A 79 -54.17 16.89 2.05
CA GLU A 79 -53.29 16.35 3.10
C GLU A 79 -53.73 14.97 3.58
N LEU A 80 -52.83 14.00 3.48
CA LEU A 80 -53.14 12.62 3.82
C LEU A 80 -52.34 12.08 5.00
N THR A 81 -53.07 11.81 6.09
CA THR A 81 -52.55 11.08 7.23
C THR A 81 -53.01 9.64 7.09
N LEU A 82 -52.10 8.70 7.28
CA LEU A 82 -52.44 7.28 7.14
C LEU A 82 -51.59 6.36 8.01
N GLN A 83 -52.28 5.61 8.86
CA GLN A 83 -51.69 4.53 9.65
C GLN A 83 -51.66 3.24 8.80
N SER A 84 -51.08 2.17 9.35
CA SER A 84 -51.10 0.86 8.69
C SER A 84 -50.42 -0.23 9.53
N GLY A 85 -50.23 -1.39 8.90
CA GLY A 85 -49.53 -2.52 9.51
C GLY A 85 -48.18 -2.71 8.87
N ARG A 86 -47.78 -3.97 8.67
CA ARG A 86 -46.53 -4.30 7.97
C ARG A 86 -46.73 -4.32 6.46
N TYR A 87 -47.93 -4.72 6.03
CA TYR A 87 -48.22 -5.04 4.63
C TYR A 87 -48.82 -3.86 3.85
N VAL A 88 -48.67 -3.92 2.54
CA VAL A 88 -48.96 -2.78 1.62
C VAL A 88 -48.71 -1.43 2.28
N ARG A 89 -47.41 -1.16 2.48
CA ARG A 89 -46.91 -0.05 3.29
C ARG A 89 -47.44 1.32 2.85
N VAL A 90 -47.22 2.31 3.70
CA VAL A 90 -47.66 3.69 3.46
C VAL A 90 -47.12 4.25 2.15
N HIS A 91 -45.87 3.92 1.83
CA HIS A 91 -45.21 4.39 0.61
C HIS A 91 -45.51 3.55 -0.65
N ASP A 92 -46.16 2.40 -0.46
CA ASP A 92 -46.77 1.64 -1.54
C ASP A 92 -48.29 1.78 -1.45
N ALA A 93 -48.72 2.91 -0.90
CA ALA A 93 -50.13 3.23 -0.71
C ALA A 93 -50.40 4.69 -1.08
N ILE A 94 -49.35 5.51 -1.06
CA ILE A 94 -49.45 6.91 -1.51
C ILE A 94 -49.27 6.98 -3.04
N PHE A 95 -48.86 5.85 -3.63
CA PHE A 95 -48.77 5.73 -5.08
C PHE A 95 -49.96 4.99 -5.67
N ARG A 96 -50.77 4.39 -4.79
CA ARG A 96 -52.10 3.93 -5.18
C ARG A 96 -53.05 5.12 -5.22
N LEU A 97 -52.77 6.13 -4.39
CA LEU A 97 -53.48 7.40 -4.40
C LEU A 97 -53.11 8.24 -5.62
N ARG A 98 -51.81 8.31 -5.91
CA ARG A 98 -51.27 9.00 -7.09
C ARG A 98 -51.98 8.54 -8.38
N LYS A 99 -52.46 7.30 -8.36
CA LYS A 99 -53.16 6.68 -9.50
C LYS A 99 -54.64 7.07 -9.58
N GLN A 100 -55.41 6.74 -8.54
CA GLN A 100 -56.86 6.93 -8.52
C GLN A 100 -57.29 8.40 -8.53
N LEU A 101 -56.43 9.28 -8.01
CA LEU A 101 -56.72 10.71 -7.87
C LEU A 101 -56.97 11.44 -9.21
N ALA A 102 -56.67 10.76 -10.32
CA ALA A 102 -57.03 11.27 -11.65
C ALA A 102 -58.54 11.19 -11.88
N GLU A 103 -59.18 10.17 -11.30
CA GLU A 103 -60.64 10.03 -11.33
C GLU A 103 -61.27 10.79 -10.18
N ILE A 116 -45.90 14.80 -4.41
CA ILE A 116 -45.91 14.36 -3.02
C ILE A 116 -44.82 15.08 -2.22
N GLU A 117 -45.17 15.50 -1.01
CA GLU A 117 -44.24 16.13 -0.08
C GLU A 117 -44.50 15.60 1.33
N VAL A 118 -43.45 15.17 2.01
CA VAL A 118 -43.57 14.54 3.34
C VAL A 118 -43.04 15.47 4.43
N GLU A 119 -43.79 15.57 5.53
CA GLU A 119 -43.33 16.29 6.73
C GLU A 119 -43.36 15.44 8.02
N SER A 120 -43.97 14.25 7.93
CA SER A 120 -43.91 13.27 9.03
C SER A 120 -43.92 11.83 8.53
N PHE A 121 -43.10 11.00 9.18
CA PHE A 121 -42.95 9.58 8.89
C PHE A 121 -42.38 8.90 10.13
N ILE A 122 -43.20 8.09 10.81
CA ILE A 122 -42.80 7.44 12.05
C ILE A 122 -42.97 5.93 11.97
N ILE A 123 -42.02 5.18 12.53
CA ILE A 123 -42.10 3.72 12.56
C ILE A 123 -41.85 3.16 13.95
N LYS A 124 -42.93 2.79 14.63
CA LYS A 124 -42.82 2.04 15.87
C LYS A 124 -42.39 0.61 15.52
N VAL A 125 -41.38 0.10 16.24
CA VAL A 125 -40.78 -1.19 15.89
C VAL A 125 -40.77 -2.18 17.07
N PRO A 126 -41.22 -3.43 16.85
CA PRO A 126 -41.24 -4.44 17.91
C PRO A 126 -39.83 -4.79 18.36
N ALA A 127 -39.26 -3.92 19.20
CA ALA A 127 -37.93 -4.11 19.74
C ALA A 127 -38.02 -4.78 21.10
N ASP A 128 -36.94 -5.48 21.46
CA ASP A 128 -36.91 -6.26 22.69
C ASP A 128 -36.45 -5.46 23.92
N HIS A 129 -35.20 -5.03 23.93
CA HIS A 129 -34.62 -4.36 25.11
C HIS A 129 -34.15 -2.95 24.77
N GLU A 130 -33.60 -2.26 25.78
CA GLU A 130 -32.93 -0.98 25.60
C GLU A 130 -31.73 -1.15 24.65
N LEU A 131 -31.61 -0.27 23.66
CA LEU A 131 -30.53 -0.38 22.67
C LEU A 131 -29.69 0.86 22.43
N ARG A 132 -28.43 0.62 22.06
CA ARG A 132 -27.44 1.67 21.77
C ARG A 132 -27.94 2.67 20.73
N MET A 133 -27.45 3.90 20.83
CA MET A 133 -27.83 4.96 19.91
C MET A 133 -27.01 4.89 18.64
N LEU A 134 -27.68 4.83 17.49
CA LEU A 134 -27.02 4.65 16.20
C LEU A 134 -27.39 5.75 15.24
N LYS A 135 -26.39 6.25 14.51
CA LYS A 135 -26.64 7.20 13.43
C LYS A 135 -26.75 6.42 12.13
N VAL A 136 -27.94 6.45 11.53
CA VAL A 136 -28.23 5.70 10.32
C VAL A 136 -28.85 6.66 9.30
N PRO A 137 -28.27 6.76 8.09
CA PRO A 137 -28.49 7.80 7.08
C PRO A 137 -29.85 8.48 7.08
N TYR A 138 -30.93 7.73 6.83
CA TYR A 138 -32.23 8.38 6.61
C TYR A 138 -33.10 8.54 7.87
N ILE A 139 -32.56 8.11 9.00
CA ILE A 139 -33.15 8.33 10.32
C ILE A 139 -32.80 9.74 10.83
N LYS A 140 -33.50 10.21 11.87
CA LYS A 140 -33.03 11.34 12.67
C LYS A 140 -33.26 11.12 14.17
N SER A 141 -34.50 10.81 14.55
CA SER A 141 -34.79 10.47 15.94
C SER A 141 -34.69 8.95 16.12
N MET A 142 -34.21 8.52 17.27
CA MET A 142 -34.14 7.08 17.57
C MET A 142 -34.62 6.80 19.00
N GLU A 143 -35.79 7.32 19.35
CA GLU A 143 -36.36 7.20 20.70
C GLU A 143 -36.37 5.74 21.18
N ASN A 144 -35.88 5.54 22.40
CA ASN A 144 -35.76 4.22 23.00
C ASN A 144 -36.80 4.02 24.11
N ILE A 145 -38.05 3.76 23.70
CA ILE A 145 -39.18 3.62 24.65
C ILE A 145 -39.18 2.28 25.43
N GLU A 146 -40.18 2.10 26.30
CA GLU A 146 -40.30 0.88 27.13
C GLU A 146 -40.87 -0.37 26.42
N GLY A 147 -41.82 -0.16 25.51
CA GLY A 147 -42.47 -1.26 24.77
C GLY A 147 -41.74 -1.69 23.51
N GLY A 148 -40.82 -0.86 23.03
CA GLY A 148 -40.02 -1.15 21.84
C GLY A 148 -39.05 -0.04 21.50
N ILE A 149 -38.90 0.24 20.20
CA ILE A 149 -38.08 1.34 19.72
C ILE A 149 -38.80 2.11 18.61
N GLN A 150 -38.88 3.43 18.80
CA GLN A 150 -39.49 4.29 17.81
C GLN A 150 -38.40 4.96 16.99
N LEU A 151 -38.63 5.09 15.69
CA LEU A 151 -37.71 5.77 14.80
C LEU A 151 -38.47 6.87 14.06
N GLU A 152 -37.74 7.82 13.51
CA GLU A 152 -38.34 8.92 12.76
C GLU A 152 -37.44 9.26 11.58
N LEU A 153 -37.88 8.90 10.38
CA LEU A 153 -37.08 9.07 9.17
C LEU A 153 -37.24 10.46 8.58
N GLU A 154 -36.56 10.73 7.47
CA GLU A 154 -36.75 11.98 6.74
C GLU A 154 -36.55 11.73 5.24
N VAL A 155 -37.66 11.64 4.52
CA VAL A 155 -37.67 11.20 3.12
C VAL A 155 -38.49 12.13 2.22
N GLY A 156 -38.05 12.29 0.96
CA GLY A 156 -38.87 12.90 -0.08
C GLY A 156 -39.60 11.81 -0.86
N GLU A 157 -40.41 12.19 -1.86
CA GLU A 157 -41.09 11.19 -2.68
C GLU A 157 -40.07 10.32 -3.43
N ALA A 158 -38.99 10.96 -3.87
CA ALA A 158 -37.89 10.27 -4.54
C ALA A 158 -36.97 9.52 -3.54
N GLU A 159 -37.56 9.01 -2.47
CA GLU A 159 -36.85 8.22 -1.45
C GLU A 159 -37.59 6.93 -1.10
N MET A 160 -38.88 6.87 -1.42
CA MET A 160 -39.65 5.63 -1.28
C MET A 160 -39.72 4.88 -2.59
N LYS A 161 -39.58 5.60 -3.70
CA LYS A 161 -39.44 5.01 -5.04
C LYS A 161 -38.28 4.03 -5.06
N ASN A 162 -37.28 4.30 -4.21
CA ASN A 162 -36.13 3.44 -4.03
C ASN A 162 -36.17 2.63 -2.73
N ARG A 163 -37.27 2.81 -1.97
CA ARG A 163 -37.62 1.94 -0.83
C ARG A 163 -36.70 2.06 0.40
N VAL A 164 -36.36 3.28 0.82
CA VAL A 164 -35.42 3.48 1.94
C VAL A 164 -35.90 2.95 3.30
N PRO A 165 -37.21 3.07 3.60
CA PRO A 165 -37.73 2.49 4.85
C PRO A 165 -37.64 0.97 4.85
N ASP A 166 -37.71 0.37 3.66
CA ASP A 166 -37.50 -1.06 3.50
C ASP A 166 -36.16 -1.47 4.10
N ARG A 167 -35.09 -0.85 3.59
CA ARG A 167 -33.72 -1.21 3.96
C ARG A 167 -33.41 -0.91 5.42
N ILE A 168 -33.88 0.24 5.91
CA ILE A 168 -33.66 0.66 7.31
C ILE A 168 -34.31 -0.30 8.29
N LEU A 169 -35.55 -0.69 8.00
CA LEU A 169 -36.26 -1.66 8.83
C LEU A 169 -35.54 -3.00 8.78
N THR A 170 -35.26 -3.47 7.56
CA THR A 170 -34.50 -4.68 7.34
C THR A 170 -33.23 -4.65 8.17
N LEU A 171 -32.51 -3.53 8.09
CA LEU A 171 -31.31 -3.32 8.91
C LEU A 171 -31.63 -3.32 10.39
N LEU A 172 -32.67 -2.58 10.76
CA LEU A 172 -33.01 -2.38 12.15
C LEU A 172 -33.42 -3.70 12.77
N GLU A 173 -34.24 -4.46 12.06
CA GLU A 173 -34.67 -5.79 12.50
C GLU A 173 -33.52 -6.79 12.45
N GLU A 174 -32.63 -6.62 11.47
CA GLU A 174 -31.42 -7.44 11.33
C GLU A 174 -30.51 -7.26 12.54
N LYS A 175 -30.46 -6.02 13.03
CA LYS A 175 -29.67 -5.66 14.21
C LYS A 175 -30.33 -6.12 15.51
N ILE A 176 -31.59 -5.73 15.69
CA ILE A 176 -32.35 -5.97 16.94
C ILE A 176 -32.11 -7.35 17.55
N GLU A 177 -32.28 -8.38 16.72
CA GLU A 177 -32.12 -9.76 17.16
C GLU A 177 -30.68 -10.12 17.62
N ALA A 178 -29.83 -9.11 17.77
CA ALA A 178 -28.48 -9.29 18.29
C ALA A 178 -28.50 -9.90 19.69
N ALA A 179 -29.42 -9.44 20.53
CA ALA A 179 -29.51 -9.92 21.90
C ALA A 179 -30.68 -10.90 22.11
N GLN A 180 -30.64 -12.00 21.35
CA GLN A 180 -31.66 -13.06 21.47
C GLN A 180 -31.48 -13.87 22.75
N GLU A 186 -16.96 -17.88 16.29
CA GLU A 186 -16.81 -18.77 15.14
C GLU A 186 -17.36 -20.16 15.43
N HIS A 187 -17.71 -20.89 14.37
CA HIS A 187 -18.05 -22.30 14.45
C HIS A 187 -16.80 -23.14 14.18
N TRP A 188 -16.69 -24.27 14.87
CA TRP A 188 -15.58 -25.22 14.71
C TRP A 188 -16.07 -26.65 14.97
N ASN A 189 -15.59 -27.61 14.18
CA ASN A 189 -15.85 -29.03 14.44
C ASN A 189 -14.99 -29.95 13.55
N LEU A 190 -14.36 -30.94 14.19
CA LEU A 190 -13.33 -31.77 13.55
C LEU A 190 -13.85 -32.65 12.42
N LEU A 191 -13.05 -32.77 11.36
CA LEU A 191 -13.32 -33.70 10.27
C LEU A 191 -12.35 -34.87 10.25
N TRP A 192 -11.06 -34.55 10.45
CA TRP A 192 -10.00 -35.54 10.41
C TRP A 192 -8.74 -34.99 11.07
N GLN A 193 -8.08 -35.85 11.84
CA GLN A 193 -6.81 -35.51 12.46
C GLN A 193 -5.80 -36.62 12.24
N ARG A 194 -4.55 -36.22 12.04
CA ARG A 194 -3.46 -37.19 12.01
C ARG A 194 -3.08 -37.55 13.44
N GLU A 195 -2.70 -38.81 13.65
CA GLU A 195 -2.29 -39.29 14.97
C GLU A 195 -1.03 -38.58 15.47
N PRO A 196 -0.80 -38.58 16.79
CA PRO A 196 0.32 -37.82 17.34
C PRO A 196 1.68 -38.22 16.81
N MET A 197 2.59 -37.26 16.79
CA MET A 197 3.98 -37.47 16.44
C MET A 197 4.80 -36.94 17.60
N GLU A 198 6.05 -37.35 17.70
CA GLU A 198 6.92 -36.76 18.71
C GLU A 198 7.43 -35.41 18.22
N HIS A 199 7.64 -34.50 19.15
CA HIS A 199 8.01 -33.13 18.81
C HIS A 199 9.38 -32.75 19.37
N PRO A 200 10.46 -33.10 18.64
CA PRO A 200 11.83 -32.90 19.11
C PRO A 200 12.29 -31.44 19.08
N PHE A 201 11.55 -30.57 18.39
CA PHE A 201 11.88 -29.15 18.36
C PHE A 201 10.83 -28.32 19.09
N LYS A 202 11.27 -27.66 20.16
CA LYS A 202 10.37 -27.04 21.14
C LYS A 202 10.44 -25.53 21.14
N GLU A 203 11.05 -24.94 20.11
CA GLU A 203 11.28 -23.51 20.08
C GLU A 203 10.40 -22.77 19.07
N ASP A 204 10.03 -21.54 19.44
CA ASP A 204 9.35 -20.59 18.55
C ASP A 204 10.21 -20.40 17.32
N PRO A 205 9.72 -20.82 16.14
CA PRO A 205 10.52 -20.73 14.92
C PRO A 205 10.93 -19.31 14.54
N THR A 206 10.09 -18.31 14.85
CA THR A 206 10.44 -16.92 14.54
C THR A 206 11.59 -16.44 15.42
N GLN A 207 11.51 -16.74 16.71
CA GLN A 207 12.60 -16.42 17.62
C GLN A 207 13.88 -17.11 17.19
N ALA A 208 13.77 -18.37 16.78
CA ALA A 208 14.89 -19.11 16.23
C ALA A 208 15.45 -18.37 15.02
N MET A 209 14.60 -18.17 14.01
CA MET A 209 14.96 -17.51 12.77
C MET A 209 15.66 -16.17 12.94
N MET A 210 15.20 -15.34 13.87
CA MET A 210 15.87 -14.06 14.17
C MET A 210 17.26 -14.28 14.78
N LYS A 211 17.35 -15.18 15.78
CA LYS A 211 18.65 -15.52 16.38
C LYS A 211 19.61 -16.04 15.33
N GLU A 212 19.08 -16.77 14.35
CA GLU A 212 19.91 -17.46 13.38
C GLU A 212 20.03 -16.77 12.03
N GLY A 213 19.69 -15.48 12.00
CA GLY A 213 19.89 -14.61 10.85
C GLY A 213 19.00 -14.86 9.64
N TRP A 214 17.86 -15.49 9.83
CA TRP A 214 16.96 -15.77 8.71
C TRP A 214 16.11 -14.56 8.31
N LEU A 215 15.82 -13.68 9.28
CA LEU A 215 14.95 -12.53 9.02
C LEU A 215 14.96 -11.51 10.17
N LYS A 216 14.52 -10.28 9.90
CA LYS A 216 14.29 -9.28 10.94
C LYS A 216 12.97 -8.58 10.65
N ARG A 217 12.41 -7.88 11.64
CA ARG A 217 11.18 -7.11 11.50
C ARG A 217 11.40 -5.96 10.57
N GLY A 218 10.47 -5.79 9.62
CA GLY A 218 10.44 -4.56 8.83
C GLY A 218 9.86 -3.40 9.64
N SER A 219 10.01 -2.20 9.11
CA SER A 219 9.56 -0.98 9.78
C SER A 219 8.09 -0.89 10.16
N SER A 220 7.20 -1.53 9.41
CA SER A 220 5.77 -1.42 9.65
C SER A 220 5.21 -2.50 10.58
N ARG A 221 4.11 -2.21 11.26
CA ARG A 221 3.41 -3.17 12.10
C ARG A 221 3.29 -4.56 11.43
N GLY A 222 3.59 -5.61 12.19
CA GLY A 222 3.40 -7.01 11.74
C GLY A 222 4.08 -7.38 10.43
N GLN A 223 5.29 -6.87 10.24
CA GLN A 223 5.93 -6.90 8.94
C GLN A 223 7.36 -7.43 9.07
N TRP A 224 7.78 -8.16 8.06
CA TRP A 224 9.03 -8.90 8.15
C TRP A 224 9.85 -8.69 6.91
N ILE A 225 11.17 -8.74 7.07
CA ILE A 225 12.06 -8.78 5.93
C ILE A 225 12.65 -10.16 5.91
N HIS A 226 12.46 -10.86 4.80
CA HIS A 226 13.02 -12.19 4.69
C HIS A 226 14.42 -12.17 4.08
N GLY A 227 15.39 -12.63 4.87
CA GLY A 227 16.74 -12.86 4.40
C GLY A 227 16.75 -14.04 3.44
N PRO A 228 17.89 -14.27 2.77
CA PRO A 228 18.05 -15.41 1.85
C PRO A 228 17.53 -16.77 2.36
N GLN A 229 17.92 -17.19 3.57
CA GLN A 229 17.49 -18.51 4.08
C GLN A 229 15.98 -18.66 4.11
N SER A 230 15.32 -17.68 4.74
CA SER A 230 13.87 -17.67 4.86
C SER A 230 13.18 -17.52 3.50
N ALA A 231 13.79 -16.73 2.61
CA ALA A 231 13.24 -16.55 1.26
C ALA A 231 13.21 -17.88 0.52
N ARG A 232 14.22 -18.71 0.78
CA ARG A 232 14.35 -19.98 0.07
C ARG A 232 13.21 -20.92 0.43
N ILE A 233 12.81 -20.87 1.70
CA ILE A 233 11.80 -21.78 2.22
C ILE A 233 10.49 -21.45 1.52
N PHE A 234 10.19 -20.16 1.45
CA PHE A 234 9.01 -19.67 0.77
C PHE A 234 8.95 -20.19 -0.66
N ARG A 235 10.04 -19.99 -1.39
CA ARG A 235 10.15 -20.41 -2.79
C ARG A 235 10.06 -21.90 -2.93
N THR A 236 10.49 -22.63 -1.90
CA THR A 236 10.39 -24.08 -1.93
C THR A 236 8.94 -24.55 -1.79
N PHE A 237 8.14 -23.87 -0.98
CA PHE A 237 6.72 -24.16 -0.84
C PHE A 237 5.96 -23.85 -2.13
N GLU A 238 6.25 -22.68 -2.70
CA GLU A 238 5.76 -22.26 -3.99
C GLU A 238 5.94 -23.35 -5.03
N LYS A 239 7.17 -23.87 -5.12
CA LYS A 239 7.51 -24.92 -6.07
C LYS A 239 6.86 -26.25 -5.72
N ILE A 240 6.55 -26.46 -4.44
CA ILE A 240 5.82 -27.66 -4.05
C ILE A 240 4.37 -27.50 -4.52
N VAL A 241 3.81 -26.34 -4.26
CA VAL A 241 2.40 -26.09 -4.52
C VAL A 241 2.14 -26.17 -6.02
N LEU A 242 3.05 -25.60 -6.79
CA LEU A 242 3.01 -25.67 -8.23
C LEU A 242 3.11 -27.10 -8.72
N GLU A 243 4.26 -27.72 -8.48
CA GLU A 243 4.56 -29.02 -9.04
C GLU A 243 3.65 -30.17 -8.57
N GLU A 244 3.18 -30.10 -7.33
CA GLU A 244 2.42 -31.22 -6.76
C GLU A 244 0.91 -31.04 -6.83
N LEU A 245 0.46 -29.80 -6.92
CA LEU A 245 -0.95 -29.48 -6.88
C LEU A 245 -1.40 -28.77 -8.15
N LEU A 246 -0.77 -27.65 -8.48
CA LEU A 246 -1.29 -26.79 -9.53
C LEU A 246 -1.13 -27.35 -10.96
N GLU A 247 0.09 -27.71 -11.33
CA GLU A 247 0.37 -28.29 -12.64
C GLU A 247 -0.44 -29.58 -12.85
N PRO A 248 -0.37 -30.55 -11.90
CA PRO A 248 -1.13 -31.79 -12.06
C PRO A 248 -2.61 -31.56 -12.25
N LEU A 249 -3.17 -30.53 -11.62
CA LEU A 249 -4.60 -30.33 -11.64
C LEU A 249 -5.04 -29.35 -12.71
N GLY A 250 -4.09 -28.80 -13.46
CA GLY A 250 -4.40 -27.98 -14.63
C GLY A 250 -4.93 -26.58 -14.41
N TYR A 251 -4.31 -25.85 -13.48
CA TYR A 251 -4.63 -24.46 -13.18
C TYR A 251 -3.72 -23.53 -13.96
N ARG A 252 -4.29 -22.51 -14.61
CA ARG A 252 -3.44 -21.54 -15.28
C ARG A 252 -3.17 -20.29 -14.42
N GLU A 253 -1.93 -19.80 -14.49
CA GLU A 253 -1.54 -18.62 -13.74
C GLU A 253 -2.11 -17.38 -14.41
N MET A 254 -2.76 -16.56 -13.59
CA MET A 254 -3.15 -15.19 -13.95
C MET A 254 -2.50 -14.25 -12.96
N ILE A 255 -2.52 -12.96 -13.24
CA ILE A 255 -2.05 -11.95 -12.29
C ILE A 255 -3.26 -11.13 -11.87
N PHE A 256 -3.62 -11.22 -10.58
CA PHE A 256 -4.74 -10.45 -10.05
C PHE A 256 -4.19 -9.12 -9.50
N PRO A 257 -4.99 -8.03 -9.59
CA PRO A 257 -4.56 -6.73 -9.06
C PRO A 257 -4.42 -6.76 -7.55
N LYS A 258 -3.81 -5.73 -6.98
CA LYS A 258 -3.50 -5.73 -5.54
C LYS A 258 -4.04 -4.51 -4.75
N LEU A 259 -4.29 -3.40 -5.43
CA LEU A 259 -5.07 -2.27 -4.90
C LEU A 259 -6.55 -2.47 -5.26
N VAL A 260 -7.36 -2.75 -4.25
CA VAL A 260 -8.80 -2.99 -4.44
C VAL A 260 -9.67 -1.75 -4.22
N THR A 261 -10.59 -1.51 -5.14
CA THR A 261 -11.45 -0.33 -5.05
C THR A 261 -12.78 -0.76 -4.49
N TRP A 262 -13.53 0.18 -3.92
CA TRP A 262 -14.81 -0.16 -3.37
C TRP A 262 -15.70 -0.96 -4.34
N GLU A 263 -15.72 -0.63 -5.63
CA GLU A 263 -16.66 -1.36 -6.48
C GLU A 263 -16.46 -2.88 -6.33
N VAL A 264 -15.22 -3.35 -6.44
CA VAL A 264 -14.88 -4.74 -6.19
C VAL A 264 -15.50 -5.23 -4.88
N TRP A 265 -15.11 -4.64 -3.75
CA TRP A 265 -15.69 -5.05 -2.45
C TRP A 265 -17.20 -4.85 -2.28
N MET A 266 -17.80 -3.92 -3.02
CA MET A 266 -19.25 -3.79 -3.04
C MET A 266 -19.93 -5.01 -3.67
N LYS A 267 -19.28 -5.57 -4.69
CA LYS A 267 -19.82 -6.69 -5.45
C LYS A 267 -19.50 -8.01 -4.74
N SER A 268 -18.31 -8.06 -4.12
CA SER A 268 -17.83 -9.25 -3.45
C SER A 268 -18.46 -9.39 -2.09
N GLY A 269 -19.10 -8.31 -1.62
CA GLY A 269 -19.76 -8.30 -0.31
C GLY A 269 -18.95 -7.92 0.93
N HIS A 270 -17.66 -7.59 0.79
CA HIS A 270 -16.86 -7.12 1.96
C HIS A 270 -17.24 -5.73 2.42
N ALA A 271 -17.80 -4.92 1.53
CA ALA A 271 -18.27 -3.58 1.88
C ALA A 271 -19.43 -3.61 2.87
N LYS A 272 -19.87 -4.81 3.24
CA LYS A 272 -20.84 -4.99 4.31
C LYS A 272 -20.23 -4.96 5.74
N GLY A 273 -18.90 -5.02 5.86
CA GLY A 273 -18.28 -5.08 7.18
C GLY A 273 -16.80 -5.40 7.35
N VAL A 274 -15.98 -5.20 6.33
CA VAL A 274 -14.57 -5.53 6.40
C VAL A 274 -13.73 -4.43 7.08
N TYR A 275 -14.32 -3.23 7.12
CA TYR A 275 -13.66 -1.98 7.61
C TYR A 275 -12.66 -2.07 8.79
N PRO A 276 -13.00 -2.79 9.88
CA PRO A 276 -12.06 -2.80 10.99
C PRO A 276 -10.63 -3.29 10.71
N GLU A 277 -10.40 -4.04 9.62
CA GLU A 277 -9.04 -4.53 9.33
C GLU A 277 -8.48 -4.29 7.92
N ILE A 278 -8.96 -3.25 7.27
CA ILE A 278 -8.45 -2.86 5.99
C ILE A 278 -7.34 -1.86 6.24
N TYR A 279 -6.29 -1.94 5.40
CA TYR A 279 -5.32 -0.87 5.21
C TYR A 279 -5.79 0.02 4.03
N TYR A 280 -6.35 1.19 4.35
CA TYR A 280 -6.97 2.08 3.38
C TYR A 280 -5.93 2.76 2.50
N VAL A 281 -6.26 2.97 1.22
CA VAL A 281 -5.32 3.60 0.32
C VAL A 281 -5.91 4.90 -0.22
N CYS A 282 -5.10 5.96 -0.27
CA CYS A 282 -5.55 7.27 -0.68
C CYS A 282 -4.62 7.86 -1.71
N PRO A 283 -5.15 8.18 -2.89
CA PRO A 283 -4.30 8.89 -3.84
C PRO A 283 -4.10 10.34 -3.37
N PRO A 284 -3.11 11.05 -3.94
CA PRO A 284 -2.99 12.51 -3.76
C PRO A 284 -4.20 13.25 -4.34
N GLN A 285 -4.60 14.36 -3.73
CA GLN A 285 -5.69 15.13 -4.34
C GLN A 285 -5.26 15.66 -5.70
N THR A 286 -3.96 15.81 -5.90
CA THR A 286 -3.37 16.29 -7.15
C THR A 286 -1.88 15.99 -7.20
N ARG A 287 -1.33 15.87 -8.41
CA ARG A 287 0.11 15.69 -8.62
C ARG A 287 0.86 17.01 -8.73
N ASP A 288 0.13 18.13 -8.63
CA ASP A 288 0.74 19.46 -8.71
C ASP A 288 1.82 19.65 -7.64
N PRO A 289 3.10 19.75 -8.08
CA PRO A 289 4.21 19.83 -7.11
C PRO A 289 4.07 21.05 -6.20
N ASP A 290 3.51 22.12 -6.74
CA ASP A 290 3.22 23.35 -5.98
C ASP A 290 2.28 23.12 -4.79
N TYR A 291 1.47 22.06 -4.90
CA TYR A 291 0.54 21.66 -3.85
C TYR A 291 1.24 20.84 -2.75
N TRP A 292 2.49 20.46 -2.98
CA TRP A 292 3.20 19.63 -2.03
C TRP A 292 4.45 20.29 -1.45
N GLU A 293 4.85 21.41 -2.04
CA GLU A 293 6.03 22.11 -1.59
C GLU A 293 6.03 22.39 -0.09
N GLU A 294 4.85 22.63 0.48
CA GLU A 294 4.66 22.85 1.91
C GLU A 294 5.00 21.59 2.72
N VAL A 295 4.56 20.43 2.25
CA VAL A 295 4.95 19.18 2.90
C VAL A 295 6.46 19.02 2.84
N ALA A 296 7.02 19.06 1.63
CA ALA A 296 8.44 18.81 1.43
C ALA A 296 9.29 19.74 2.31
N ASP A 297 8.99 21.04 2.22
CA ASP A 297 9.74 22.06 2.93
C ASP A 297 9.59 21.91 4.44
N TYR A 298 8.44 21.43 4.89
CA TYR A 298 8.30 21.11 6.30
C TYR A 298 9.29 20.02 6.68
N TYR A 299 9.30 18.91 5.93
CA TYR A 299 10.25 17.84 6.25
C TYR A 299 11.69 18.34 6.21
N LYS A 300 12.07 18.97 5.09
CA LYS A 300 13.47 19.35 4.85
C LYS A 300 14.02 20.22 5.96
N VAL A 301 13.16 21.05 6.54
CA VAL A 301 13.54 21.98 7.60
C VAL A 301 13.54 21.34 8.99
N THR A 302 12.61 20.44 9.24
CA THR A 302 12.42 19.89 10.60
C THR A 302 12.79 18.43 10.81
N HIS A 303 12.91 17.67 9.71
CA HIS A 303 13.19 16.24 9.75
C HIS A 303 12.05 15.39 10.34
N GLU A 304 10.83 15.93 10.31
CA GLU A 304 9.67 15.13 10.63
C GLU A 304 8.65 15.31 9.53
N VAL A 305 8.09 14.19 9.05
CA VAL A 305 7.04 14.29 8.07
C VAL A 305 5.80 14.75 8.81
N PRO A 306 5.04 15.71 8.20
CA PRO A 306 3.83 16.27 8.82
C PRO A 306 2.58 15.48 8.49
N THR A 307 2.35 14.41 9.24
CA THR A 307 1.27 13.48 8.89
C THR A 307 -0.18 14.03 8.96
N LYS A 308 -0.41 15.01 9.82
CA LYS A 308 -1.73 15.66 9.90
C LYS A 308 -1.99 16.47 8.63
N LEU A 309 -1.04 17.33 8.29
CA LEU A 309 -1.07 18.11 7.06
C LEU A 309 -1.19 17.22 5.83
N ILE A 310 -0.47 16.09 5.80
CA ILE A 310 -0.56 15.17 4.66
C ILE A 310 -1.96 14.58 4.57
N LYS A 311 -2.51 14.15 5.70
CA LYS A 311 -3.86 13.60 5.68
C LYS A 311 -4.87 14.60 5.10
N GLU A 312 -4.59 15.88 5.24
CA GLU A 312 -5.47 16.91 4.73
C GLU A 312 -5.40 17.04 3.21
N LYS A 313 -4.19 16.82 2.66
CA LYS A 313 -3.88 17.00 1.24
C LYS A 313 -4.13 15.76 0.38
N ILE A 314 -4.31 14.61 1.02
CA ILE A 314 -4.60 13.38 0.29
C ILE A 314 -6.09 13.24 0.14
N ALA A 315 -6.52 12.48 -0.86
CA ALA A 315 -7.93 12.38 -1.20
C ALA A 315 -8.63 11.36 -0.31
N GLU A 316 -9.95 11.30 -0.44
CA GLU A 316 -10.74 10.26 0.20
C GLU A 316 -10.29 8.87 -0.24
N PRO A 317 -10.49 7.85 0.58
CA PRO A 317 -9.87 6.58 0.19
C PRO A 317 -10.63 5.96 -0.97
N ILE A 318 -9.90 5.42 -1.94
CA ILE A 318 -10.53 4.82 -3.11
C ILE A 318 -10.83 3.35 -2.87
N GLY A 319 -10.36 2.87 -1.72
CA GLY A 319 -10.45 1.48 -1.38
C GLY A 319 -9.28 1.12 -0.51
N GLY A 320 -8.79 -0.10 -0.66
CA GLY A 320 -7.88 -0.63 0.31
C GLY A 320 -6.91 -1.58 -0.32
N MET A 321 -5.92 -1.99 0.47
N MET A 321 -5.91 -2.00 0.46
CA MET A 321 -4.96 -2.96 0.01
CA MET A 321 -4.92 -2.95 -0.05
C MET A 321 -5.63 -4.34 -0.12
C MET A 321 -5.41 -4.40 0.09
N CYS A 322 -4.98 -5.24 -0.85
CA CYS A 322 -5.46 -6.63 -1.02
C CYS A 322 -5.71 -7.30 0.33
N TYR A 323 -6.96 -7.74 0.53
CA TYR A 323 -7.42 -8.38 1.76
C TYR A 323 -7.70 -9.90 1.64
N ALA A 324 -8.61 -10.25 0.75
CA ALA A 324 -8.97 -11.64 0.48
C ALA A 324 -8.30 -12.18 -0.78
N GLN A 325 -7.75 -11.27 -1.60
CA GLN A 325 -7.02 -11.62 -2.84
C GLN A 325 -7.87 -12.01 -4.03
N CYS A 326 -8.92 -12.81 -3.85
CA CYS A 326 -9.68 -13.29 -5.00
C CYS A 326 -10.63 -12.25 -5.61
N PRO A 327 -11.33 -11.44 -4.75
CA PRO A 327 -12.24 -10.43 -5.26
C PRO A 327 -11.79 -9.72 -6.54
N PRO A 328 -10.59 -9.11 -6.54
CA PRO A 328 -10.23 -8.34 -7.76
C PRO A 328 -10.18 -9.16 -9.06
N PHE A 329 -10.10 -10.49 -8.95
CA PHE A 329 -10.02 -11.34 -10.13
C PHE A 329 -11.35 -11.28 -10.85
N TRP A 330 -12.42 -11.23 -10.07
CA TRP A 330 -13.74 -11.34 -10.61
C TRP A 330 -14.10 -10.20 -11.55
N MET A 331 -13.34 -9.11 -11.48
CA MET A 331 -13.56 -8.04 -12.47
C MET A 331 -13.23 -8.51 -13.89
N TYR A 332 -12.49 -9.61 -13.99
CA TYR A 332 -12.04 -10.13 -15.27
C TYR A 332 -13.18 -10.85 -15.98
N VAL A 333 -14.15 -11.34 -15.22
CA VAL A 333 -15.26 -12.12 -15.74
C VAL A 333 -16.62 -11.46 -15.49
N ALA A 334 -16.61 -10.22 -14.99
CA ALA A 334 -17.85 -9.55 -14.56
C ALA A 334 -18.72 -9.16 -15.75
N GLY A 335 -19.99 -9.51 -15.68
CA GLY A 335 -20.91 -9.22 -16.76
C GLY A 335 -20.76 -10.14 -17.94
N GLU A 336 -19.84 -11.10 -17.84
CA GLU A 336 -19.55 -12.01 -18.94
C GLU A 336 -20.37 -13.30 -18.95
N THR A 337 -20.26 -14.05 -20.05
CA THR A 337 -20.99 -15.31 -20.22
C THR A 337 -19.99 -16.36 -20.71
N LEU A 338 -20.03 -17.53 -20.11
CA LEU A 338 -19.06 -18.56 -20.41
C LEU A 338 -19.76 -19.69 -21.14
N PRO A 339 -19.16 -20.14 -22.27
CA PRO A 339 -19.55 -21.35 -22.98
C PRO A 339 -19.24 -22.51 -22.05
N ASN A 340 -19.97 -23.62 -22.16
CA ASN A 340 -19.72 -24.74 -21.25
C ASN A 340 -18.39 -25.47 -21.52
N GLU A 341 -17.86 -25.26 -22.73
CA GLU A 341 -16.50 -25.70 -23.09
C GLU A 341 -15.40 -25.05 -22.22
N GLU A 342 -15.78 -24.13 -21.33
CA GLU A 342 -14.79 -23.34 -20.64
C GLU A 342 -14.73 -23.73 -19.18
N ILE A 343 -15.80 -24.32 -18.69
CA ILE A 343 -15.86 -24.68 -17.29
C ILE A 343 -15.35 -26.10 -17.12
N PRO A 344 -14.48 -26.32 -16.12
CA PRO A 344 -14.20 -25.36 -15.06
C PRO A 344 -13.10 -24.38 -15.42
N VAL A 345 -13.28 -23.13 -15.03
CA VAL A 345 -12.18 -22.20 -15.06
C VAL A 345 -11.45 -22.44 -13.74
N LYS A 346 -10.15 -22.71 -13.84
CA LYS A 346 -9.32 -23.11 -12.72
C LYS A 346 -8.10 -22.29 -12.87
N VAL A 347 -7.92 -21.38 -11.93
CA VAL A 347 -7.00 -20.29 -12.13
C VAL A 347 -6.36 -19.93 -10.77
N PHE A 348 -5.17 -19.34 -10.81
CA PHE A 348 -4.47 -18.94 -9.59
C PHE A 348 -3.57 -17.72 -9.76
N ASP A 349 -3.28 -17.09 -8.62
CA ASP A 349 -2.44 -15.90 -8.55
C ASP A 349 -1.41 -15.95 -7.41
N ARG A 350 -0.24 -15.40 -7.66
CA ARG A 350 0.81 -15.33 -6.66
C ARG A 350 1.63 -14.09 -6.91
N SER A 351 0.97 -13.00 -7.26
CA SER A 351 1.64 -11.81 -7.73
C SER A 351 1.95 -10.77 -6.64
N GLY A 352 1.62 -11.04 -5.39
CA GLY A 352 1.97 -10.07 -4.36
C GLY A 352 1.32 -10.17 -3.00
N THR A 353 1.34 -9.05 -2.27
CA THR A 353 1.10 -9.11 -0.84
C THR A 353 -0.30 -8.70 -0.48
N SER A 354 -0.84 -9.40 0.53
CA SER A 354 -2.10 -9.10 1.19
C SER A 354 -1.79 -8.42 2.52
N HIS A 355 -2.73 -7.58 2.96
CA HIS A 355 -2.54 -6.76 4.15
C HIS A 355 -3.82 -6.74 4.96
N ARG A 356 -3.69 -7.02 6.24
CA ARG A 356 -4.80 -7.02 7.19
C ARG A 356 -4.27 -6.38 8.45
N TYR A 357 -5.15 -5.72 9.19
CA TYR A 357 -4.76 -5.11 10.41
C TYR A 357 -5.14 -6.12 11.49
N GLU A 358 -4.16 -6.94 11.86
CA GLU A 358 -4.34 -8.01 12.87
C GLU A 358 -4.44 -7.48 14.28
N SER A 359 -4.90 -8.33 15.19
CA SER A 359 -4.99 -7.98 16.63
C SER A 359 -3.66 -7.59 17.27
N GLY A 360 -3.73 -6.69 18.25
CA GLY A 360 -2.54 -6.06 18.83
C GLY A 360 -1.61 -7.04 19.53
N GLY A 361 -0.34 -6.71 19.56
CA GLY A 361 0.64 -7.56 20.22
C GLY A 361 1.83 -7.88 19.36
N ILE A 362 2.87 -8.38 20.00
CA ILE A 362 4.05 -8.87 19.32
C ILE A 362 3.79 -10.32 18.95
N HIS A 363 3.83 -10.59 17.65
CA HIS A 363 3.69 -11.94 17.15
C HIS A 363 4.86 -12.25 16.23
N GLY A 364 5.08 -13.54 16.02
CA GLY A 364 6.03 -13.99 15.00
C GLY A 364 5.38 -14.05 13.63
N ILE A 365 5.98 -14.79 12.71
CA ILE A 365 5.40 -14.92 11.37
C ILE A 365 3.99 -15.55 11.37
N GLU A 366 3.61 -16.17 12.49
CA GLU A 366 2.31 -16.84 12.64
C GLU A 366 1.09 -15.89 12.70
N ARG A 367 1.36 -14.59 12.80
CA ARG A 367 0.34 -13.56 12.89
C ARG A 367 0.97 -12.23 12.44
N VAL A 368 0.80 -11.92 11.16
CA VAL A 368 1.45 -10.78 10.53
C VAL A 368 0.39 -9.89 9.89
N ASP A 369 0.80 -8.68 9.45
CA ASP A 369 -0.08 -7.70 8.83
C ASP A 369 0.16 -7.65 7.31
N GLU A 370 1.31 -8.15 6.90
CA GLU A 370 1.67 -8.21 5.51
C GLU A 370 1.99 -9.64 5.22
N PHE A 371 1.29 -10.28 4.29
CA PHE A 371 1.55 -11.70 4.00
C PHE A 371 1.58 -12.10 2.54
N HIS A 372 2.11 -13.28 2.26
CA HIS A 372 2.26 -13.72 0.90
C HIS A 372 1.43 -14.95 0.73
N ARG A 373 0.44 -14.89 -0.16
CA ARG A 373 -0.50 -15.97 -0.36
C ARG A 373 -0.63 -16.35 -1.84
N ILE A 374 -1.04 -17.60 -2.07
CA ILE A 374 -1.28 -18.10 -3.39
C ILE A 374 -2.80 -18.28 -3.43
N GLU A 375 -3.47 -17.51 -4.27
CA GLU A 375 -4.92 -17.62 -4.31
C GLU A 375 -5.33 -18.47 -5.49
N ILE A 376 -6.13 -19.49 -5.18
CA ILE A 376 -6.48 -20.54 -6.09
C ILE A 376 -8.00 -20.47 -6.22
N VAL A 377 -8.48 -20.39 -7.46
CA VAL A 377 -9.87 -20.02 -7.70
C VAL A 377 -10.45 -20.86 -8.83
N TRP A 378 -11.60 -21.48 -8.57
CA TRP A 378 -12.28 -22.25 -9.59
C TRP A 378 -13.74 -21.82 -9.77
N ILE A 379 -14.24 -21.96 -10.98
CA ILE A 379 -15.63 -21.64 -11.33
C ILE A 379 -16.18 -22.79 -12.17
N GLY A 380 -17.39 -23.20 -11.86
CA GLY A 380 -18.06 -24.25 -12.61
C GLY A 380 -19.44 -24.41 -12.05
N THR A 381 -20.10 -25.51 -12.42
CA THR A 381 -21.38 -25.85 -11.84
C THR A 381 -21.16 -26.43 -10.43
N LYS A 382 -22.23 -26.57 -9.66
CA LYS A 382 -22.14 -27.08 -8.30
C LYS A 382 -21.22 -28.30 -8.29
N GLU A 383 -21.60 -29.35 -9.02
CA GLU A 383 -20.86 -30.60 -9.08
C GLU A 383 -19.38 -30.43 -9.40
N GLU A 384 -19.06 -29.61 -10.40
CA GLU A 384 -17.65 -29.39 -10.76
C GLU A 384 -16.91 -28.68 -9.63
N VAL A 385 -17.56 -27.68 -9.03
CA VAL A 385 -16.95 -26.97 -7.90
C VAL A 385 -16.65 -27.90 -6.73
N LEU A 386 -17.59 -28.79 -6.40
CA LEU A 386 -17.37 -29.80 -5.38
C LEU A 386 -16.30 -30.84 -5.72
N LYS A 387 -15.97 -30.97 -7.00
CA LYS A 387 -15.04 -31.99 -7.43
C LYS A 387 -13.63 -31.47 -7.28
N CYS A 388 -13.44 -30.19 -7.64
CA CYS A 388 -12.15 -29.51 -7.54
C CYS A 388 -11.77 -29.41 -6.08
N ALA A 389 -12.70 -28.90 -5.28
CA ALA A 389 -12.63 -28.99 -3.84
C ALA A 389 -11.94 -30.29 -3.43
N GLU A 390 -12.49 -31.42 -3.88
CA GLU A 390 -12.02 -32.74 -3.46
C GLU A 390 -10.67 -33.13 -4.05
N GLU A 391 -10.38 -32.65 -5.25
CA GLU A 391 -9.07 -32.88 -5.88
C GLU A 391 -7.95 -32.22 -5.09
N LEU A 392 -8.22 -31.02 -4.57
CA LEU A 392 -7.24 -30.24 -3.82
C LEU A 392 -6.93 -30.88 -2.47
N HIS A 393 -7.98 -31.31 -1.77
CA HIS A 393 -7.86 -31.90 -0.44
C HIS A 393 -6.93 -33.10 -0.53
N ASP A 394 -7.12 -33.84 -1.61
CA ASP A 394 -6.37 -35.04 -1.94
C ASP A 394 -4.91 -34.70 -2.18
N ARG A 395 -4.66 -33.55 -2.80
CA ARG A 395 -3.30 -33.13 -3.15
C ARG A 395 -2.59 -32.45 -1.99
N TYR A 396 -3.36 -31.75 -1.16
CA TYR A 396 -2.83 -31.24 0.11
C TYR A 396 -2.40 -32.38 1.02
N MET A 397 -3.20 -33.44 1.06
CA MET A 397 -2.92 -34.58 1.91
C MET A 397 -1.55 -35.19 1.59
N HIS A 398 -1.32 -35.46 0.32
CA HIS A 398 -0.01 -35.90 -0.18
C HIS A 398 1.12 -34.94 0.28
N ILE A 399 0.93 -33.64 0.05
CA ILE A 399 1.92 -32.64 0.45
C ILE A 399 2.23 -32.67 1.95
N PHE A 400 1.18 -32.65 2.77
CA PHE A 400 1.36 -32.49 4.22
C PHE A 400 1.83 -33.77 4.89
N ASN A 401 1.33 -34.90 4.43
CA ASN A 401 1.73 -36.21 4.90
C ASN A 401 3.11 -36.65 4.47
N ASP A 402 3.43 -36.49 3.19
CA ASP A 402 4.65 -37.13 2.68
C ASP A 402 5.66 -36.28 1.90
N ILE A 403 5.43 -34.98 1.81
CA ILE A 403 6.52 -34.06 1.46
C ILE A 403 7.00 -33.42 2.75
N LEU A 404 6.08 -32.73 3.42
CA LEU A 404 6.43 -31.99 4.64
C LEU A 404 6.43 -32.87 5.88
N ASP A 405 5.60 -33.90 5.87
CA ASP A 405 5.49 -34.86 6.97
C ASP A 405 5.24 -34.16 8.30
N ILE A 406 4.12 -33.46 8.39
CA ILE A 406 3.76 -32.71 9.59
C ILE A 406 2.58 -33.35 10.31
N GLU A 407 2.33 -32.91 11.53
CA GLU A 407 1.11 -33.29 12.23
C GLU A 407 0.07 -32.21 11.98
N TRP A 408 -1.09 -32.60 11.47
CA TRP A 408 -2.13 -31.66 11.04
C TRP A 408 -3.54 -32.22 11.20
N ARG A 409 -4.53 -31.34 11.09
CA ARG A 409 -5.93 -31.73 11.10
C ARG A 409 -6.74 -30.80 10.22
N LYS A 410 -7.96 -31.21 9.87
CA LYS A 410 -8.89 -30.33 9.17
C LYS A 410 -10.28 -30.33 9.81
N ALA A 411 -10.86 -29.13 9.88
CA ALA A 411 -12.16 -28.91 10.53
C ALA A 411 -13.08 -28.09 9.64
N ARG A 412 -14.39 -28.24 9.85
CA ARG A 412 -15.38 -27.40 9.16
C ARG A 412 -15.65 -26.14 9.98
N VAL A 413 -15.43 -24.97 9.38
CA VAL A 413 -15.53 -23.70 10.09
C VAL A 413 -16.56 -22.71 9.50
N THR A 414 -16.51 -21.47 9.97
CA THR A 414 -17.31 -20.36 9.45
C THR A 414 -16.78 -19.95 8.08
N PRO A 415 -17.68 -19.85 7.07
CA PRO A 415 -17.31 -19.34 5.75
C PRO A 415 -16.50 -18.02 5.84
N TRP A 416 -15.39 -17.95 5.10
CA TRP A 416 -14.50 -16.79 5.14
C TRP A 416 -15.21 -15.50 4.74
N PHE A 417 -16.10 -15.58 3.74
CA PHE A 417 -16.87 -14.44 3.27
C PHE A 417 -17.79 -13.85 4.34
N MET A 418 -18.44 -14.73 5.11
CA MET A 418 -19.25 -14.35 6.28
C MET A 418 -18.43 -13.67 7.38
N ALA A 419 -17.31 -14.30 7.78
CA ALA A 419 -16.42 -13.75 8.80
C ALA A 419 -15.94 -12.33 8.46
N GLN A 420 -15.55 -12.13 7.21
CA GLN A 420 -14.94 -10.88 6.74
C GLN A 420 -15.93 -9.73 6.50
N GLU A 421 -17.22 -10.03 6.56
CA GLU A 421 -18.26 -8.98 6.46
C GLU A 421 -19.12 -8.87 7.74
N GLY A 422 -18.53 -9.23 8.88
CA GLY A 422 -19.15 -9.05 10.20
C GLY A 422 -19.95 -10.22 10.77
N LEU A 423 -20.24 -11.22 9.93
CA LEU A 423 -21.11 -12.34 10.32
C LEU A 423 -20.36 -13.52 10.96
N LEU A 424 -21.13 -14.42 11.59
CA LEU A 424 -20.60 -15.66 12.20
C LEU A 424 -21.65 -16.80 12.16
N GLY A 425 -21.21 -18.01 12.49
CA GLY A 425 -22.07 -19.20 12.48
C GLY A 425 -21.71 -20.16 11.36
N LEU A 426 -22.72 -20.60 10.61
CA LEU A 426 -22.50 -21.42 9.42
C LEU A 426 -23.30 -20.91 8.23
N ALA A 427 -23.00 -21.45 7.05
CA ALA A 427 -23.81 -21.19 5.85
C ALA A 427 -25.02 -22.14 5.83
N GLU A 428 -26.13 -21.67 5.26
CA GLU A 428 -27.39 -22.43 5.27
C GLU A 428 -27.50 -23.50 4.18
N GLU A 429 -26.64 -23.37 3.15
CA GLU A 429 -26.43 -24.41 2.17
C GLU A 429 -25.38 -25.41 2.70
N ASN A 430 -25.83 -26.62 3.02
CA ASN A 430 -25.01 -27.65 3.67
C ASN A 430 -23.63 -27.94 3.06
N THR A 431 -23.49 -27.72 1.76
CA THR A 431 -22.24 -28.02 1.05
C THR A 431 -21.37 -26.77 0.92
N VAL A 432 -21.93 -25.62 1.28
CA VAL A 432 -21.23 -24.33 1.25
C VAL A 432 -20.54 -24.04 2.58
N GLY A 433 -19.26 -23.71 2.53
CA GLY A 433 -18.53 -23.33 3.72
C GLY A 433 -17.03 -23.48 3.55
N THR A 434 -16.31 -23.37 4.65
CA THR A 434 -14.85 -23.47 4.68
C THR A 434 -14.34 -24.70 5.43
N THR A 435 -13.35 -25.34 4.85
CA THR A 435 -12.58 -26.36 5.52
C THR A 435 -11.29 -25.67 5.95
N ASP A 436 -10.93 -25.86 7.22
CA ASP A 436 -9.75 -25.21 7.77
C ASP A 436 -8.70 -26.22 8.15
N TYR A 437 -7.48 -25.98 7.70
CA TYR A 437 -6.33 -26.82 8.06
C TYR A 437 -5.56 -26.24 9.24
N GLU A 438 -5.38 -27.05 10.28
CA GLU A 438 -4.62 -26.61 11.45
C GLU A 438 -3.47 -27.54 11.79
N ALA A 439 -2.44 -26.97 12.40
CA ALA A 439 -1.28 -27.72 12.83
C ALA A 439 -0.81 -27.22 14.19
N CYS A 440 -0.28 -28.15 14.99
CA CYS A 440 0.24 -27.80 16.30
C CYS A 440 1.62 -27.22 16.17
N LEU A 441 1.88 -26.20 16.99
CA LEU A 441 3.20 -25.62 17.14
C LEU A 441 3.76 -26.06 18.51
N PRO A 442 4.62 -27.10 18.51
CA PRO A 442 5.11 -27.73 19.75
C PRO A 442 5.52 -26.74 20.84
N TYR A 443 6.15 -25.64 20.43
CA TYR A 443 6.59 -24.61 21.38
C TYR A 443 5.46 -24.03 22.22
N ARG A 444 4.22 -24.23 21.79
CA ARG A 444 3.07 -23.71 22.53
C ARG A 444 2.63 -24.61 23.69
N GLY A 445 3.19 -25.80 23.78
CA GLY A 445 2.83 -26.74 24.85
C GLY A 445 1.77 -27.76 24.49
N PRO A 446 1.49 -28.69 25.41
CA PRO A 446 0.47 -29.70 25.16
C PRO A 446 -0.95 -29.14 25.05
N ASP A 447 -1.20 -27.99 25.68
CA ASP A 447 -2.51 -27.33 25.71
C ASP A 447 -2.59 -26.26 24.64
N GLY A 448 -1.47 -26.04 23.96
CA GLY A 448 -1.35 -25.01 22.94
C GLY A 448 -2.48 -25.03 21.95
N GLU A 449 -2.91 -23.83 21.56
CA GLU A 449 -3.89 -23.65 20.50
C GLU A 449 -3.20 -23.89 19.15
N TRP A 450 -3.78 -24.79 18.34
CA TRP A 450 -3.24 -25.10 17.00
C TRP A 450 -3.40 -23.91 16.08
N LEU A 451 -2.47 -23.78 15.12
CA LEU A 451 -2.50 -22.67 14.16
C LEU A 451 -3.12 -23.02 12.79
N GLU A 452 -3.98 -22.14 12.30
CA GLU A 452 -4.57 -22.26 10.96
C GLU A 452 -3.53 -21.88 9.90
N PHE A 453 -3.22 -22.81 9.00
CA PHE A 453 -2.28 -22.54 7.90
C PHE A 453 -2.86 -22.62 6.50
N GLN A 454 -4.07 -23.15 6.39
CA GLN A 454 -4.63 -23.47 5.07
C GLN A 454 -6.15 -23.51 5.14
N ASN A 455 -6.81 -23.00 4.11
CA ASN A 455 -8.25 -23.25 3.94
C ASN A 455 -8.65 -23.66 2.50
N VAL A 456 -9.85 -24.20 2.39
CA VAL A 456 -10.47 -24.57 1.11
C VAL A 456 -11.95 -24.26 1.22
N SER A 457 -12.47 -23.35 0.40
CA SER A 457 -13.88 -22.96 0.51
C SER A 457 -14.74 -23.24 -0.73
N ILE A 458 -15.97 -23.65 -0.48
CA ILE A 458 -17.01 -23.70 -1.48
C ILE A 458 -17.92 -22.48 -1.26
N ASN A 459 -17.83 -21.51 -2.15
CA ASN A 459 -18.52 -20.22 -1.95
C ASN A 459 -20.00 -20.16 -2.40
N GLY A 460 -20.51 -21.27 -2.93
CA GLY A 460 -21.86 -21.32 -3.50
C GLY A 460 -21.96 -20.41 -4.71
N ASP A 461 -23.13 -19.84 -4.95
CA ASP A 461 -23.26 -18.96 -6.09
C ASP A 461 -22.89 -17.51 -5.79
N LYS A 462 -22.20 -17.27 -4.67
CA LYS A 462 -22.06 -15.92 -4.18
C LYS A 462 -21.35 -14.99 -5.15
N TYR A 463 -20.22 -15.43 -5.67
CA TYR A 463 -19.39 -14.60 -6.51
C TYR A 463 -19.92 -14.48 -7.93
N PRO A 464 -20.32 -15.60 -8.55
CA PRO A 464 -21.02 -15.45 -9.81
C PRO A 464 -22.21 -14.47 -9.76
N LYS A 465 -23.01 -14.50 -8.70
CA LYS A 465 -24.14 -13.54 -8.56
C LYS A 465 -23.70 -12.09 -8.29
N GLY A 466 -22.73 -11.89 -7.41
CA GLY A 466 -22.32 -10.54 -7.07
C GLY A 466 -21.71 -9.80 -8.24
N PHE A 467 -20.95 -10.54 -9.06
CA PHE A 467 -20.22 -9.97 -10.18
C PHE A 467 -20.92 -10.19 -11.51
N ASN A 468 -21.99 -10.99 -11.47
CA ASN A 468 -22.89 -11.14 -12.59
C ASN A 468 -22.25 -11.92 -13.74
N VAL A 469 -21.87 -13.16 -13.46
CA VAL A 469 -21.26 -14.04 -14.44
C VAL A 469 -22.27 -15.12 -14.76
N LYS A 470 -22.82 -15.13 -15.97
CA LYS A 470 -23.76 -16.17 -16.31
C LYS A 470 -23.01 -17.28 -17.03
N LEU A 471 -23.65 -18.43 -17.16
CA LEU A 471 -23.18 -19.51 -18.01
C LEU A 471 -24.12 -19.63 -19.23
N GLN A 472 -23.54 -19.92 -20.39
CA GLN A 472 -24.28 -19.89 -21.66
C GLN A 472 -25.59 -20.69 -21.64
N SER A 473 -25.58 -21.86 -20.97
CA SER A 473 -26.80 -22.66 -20.77
C SER A 473 -27.72 -22.14 -19.66
N GLY A 474 -27.20 -21.29 -18.79
CA GLY A 474 -28.03 -20.69 -17.75
C GLY A 474 -28.21 -21.55 -16.52
N ASP A 475 -27.45 -22.63 -16.40
CA ASP A 475 -27.30 -23.29 -15.10
C ASP A 475 -26.58 -22.31 -14.19
N GLU A 476 -26.86 -22.37 -12.88
CA GLU A 476 -26.23 -21.50 -11.89
C GLU A 476 -24.78 -21.89 -11.75
N LEU A 477 -23.89 -20.91 -11.84
CA LEU A 477 -22.48 -21.13 -11.58
C LEU A 477 -22.21 -21.00 -10.10
N TRP A 478 -21.19 -21.72 -9.67
CA TRP A 478 -20.70 -21.75 -8.32
C TRP A 478 -19.22 -21.49 -8.41
N SER A 479 -18.58 -21.23 -7.28
CA SER A 479 -17.14 -21.02 -7.25
C SER A 479 -16.53 -21.55 -5.97
N GLY A 480 -15.22 -21.68 -5.95
CA GLY A 480 -14.52 -22.08 -4.76
C GLY A 480 -13.19 -21.37 -4.73
N CYS A 481 -12.53 -21.42 -3.60
CA CYS A 481 -11.17 -20.91 -3.51
C CYS A 481 -10.41 -21.56 -2.40
N SER A 482 -9.11 -21.33 -2.42
CA SER A 482 -8.19 -21.87 -1.45
C SER A 482 -7.01 -20.90 -1.33
N GLY A 483 -6.74 -20.43 -0.12
CA GLY A 483 -5.64 -19.53 0.12
C GLY A 483 -4.50 -20.27 0.75
N VAL A 484 -3.32 -20.18 0.15
CA VAL A 484 -2.11 -20.80 0.68
C VAL A 484 -1.21 -19.74 1.37
N GLY A 485 -1.31 -19.65 2.69
CA GLY A 485 -0.55 -18.64 3.44
C GLY A 485 0.87 -19.10 3.70
N LEU A 486 1.85 -18.46 3.06
CA LEU A 486 3.20 -18.99 3.10
C LEU A 486 3.92 -18.86 4.48
N GLU A 487 3.68 -17.76 5.19
CA GLU A 487 4.24 -17.55 6.52
C GLU A 487 3.65 -18.56 7.49
N ARG A 488 2.41 -18.98 7.20
CA ARG A 488 1.70 -19.92 8.06
C ARG A 488 2.27 -21.32 7.82
N TRP A 489 2.64 -21.59 6.56
CA TRP A 489 3.24 -22.87 6.22
C TRP A 489 4.61 -22.88 6.83
N ALA A 490 5.28 -21.74 6.70
CA ALA A 490 6.60 -21.52 7.22
C ALA A 490 6.62 -21.51 8.75
N ALA A 491 5.51 -21.24 9.41
CA ALA A 491 5.51 -21.28 10.87
C ALA A 491 5.30 -22.68 11.39
N VAL A 492 4.49 -23.45 10.67
CA VAL A 492 4.20 -24.84 11.06
C VAL A 492 5.42 -25.70 10.80
N PHE A 493 5.85 -25.78 9.54
CA PHE A 493 6.94 -26.65 9.17
C PHE A 493 8.12 -26.48 10.12
N LEU A 494 8.54 -25.23 10.30
CA LEU A 494 9.73 -24.93 11.07
C LEU A 494 9.58 -25.20 12.58
N ALA A 495 8.41 -24.88 13.15
CA ALA A 495 8.09 -25.23 14.53
C ALA A 495 8.04 -26.74 14.76
N GLN A 496 7.84 -27.51 13.70
CA GLN A 496 7.77 -28.96 13.82
C GLN A 496 9.08 -29.68 13.49
N LYS A 497 9.96 -29.06 12.68
CA LYS A 497 11.19 -29.75 12.23
C LYS A 497 12.48 -29.00 12.56
N GLY A 498 12.36 -27.71 12.88
CA GLY A 498 13.54 -26.92 13.20
C GLY A 498 14.10 -26.24 11.98
N LEU A 499 15.22 -25.56 12.18
CA LEU A 499 15.83 -24.72 11.16
C LEU A 499 17.06 -25.37 10.56
N ASP A 500 17.38 -26.57 11.07
CA ASP A 500 18.51 -27.36 10.61
C ASP A 500 18.06 -28.50 9.67
N PRO A 501 18.28 -28.32 8.35
CA PRO A 501 18.10 -29.28 7.26
C PRO A 501 18.36 -30.76 7.61
N ALA A 502 19.31 -31.03 8.47
CA ALA A 502 19.64 -32.41 8.85
C ALA A 502 18.41 -33.20 9.28
N ASN A 503 17.45 -32.52 9.93
CA ASN A 503 16.24 -33.18 10.45
C ASN A 503 14.94 -32.92 9.65
N TRP A 504 15.02 -32.33 8.47
CA TRP A 504 13.82 -32.20 7.63
C TRP A 504 13.60 -33.51 6.85
N PRO A 505 12.37 -33.75 6.37
CA PRO A 505 12.14 -34.95 5.55
C PRO A 505 12.95 -34.91 4.25
N GLU A 506 13.55 -36.06 3.90
CA GLU A 506 14.26 -36.22 2.63
C GLU A 506 13.53 -35.55 1.45
N GLU A 507 12.24 -35.84 1.29
CA GLU A 507 11.44 -35.27 0.19
C GLU A 507 11.53 -33.74 0.12
N PHE A 508 11.56 -33.10 1.29
CA PHE A 508 11.71 -31.64 1.36
C PHE A 508 13.12 -31.17 1.01
N ARG A 509 14.14 -31.65 1.74
CA ARG A 509 15.55 -31.32 1.46
C ARG A 509 15.88 -31.40 -0.03
N ASN A 510 15.46 -32.49 -0.66
CA ASN A 510 15.60 -32.69 -2.09
C ASN A 510 15.16 -31.48 -2.88
N ARG A 511 13.98 -30.97 -2.55
CA ARG A 511 13.39 -29.84 -3.25
C ARG A 511 13.99 -28.49 -2.84
N VAL A 512 14.54 -28.41 -1.62
CA VAL A 512 15.15 -27.17 -1.13
C VAL A 512 16.50 -26.93 -1.81
N GLY A 513 17.21 -28.02 -2.07
CA GLY A 513 18.59 -27.95 -2.55
C GLY A 513 19.53 -27.61 -1.41
N GLU A 514 20.63 -26.95 -1.74
CA GLU A 514 21.62 -26.51 -0.77
C GLU A 514 21.28 -25.09 -0.28
N MET A 515 21.12 -24.93 1.04
CA MET A 515 20.66 -23.68 1.65
C MET A 515 21.56 -22.50 1.36
N PRO A 516 20.97 -21.36 0.97
CA PRO A 516 21.78 -20.17 0.81
C PRO A 516 22.31 -19.75 2.18
N LYS A 517 23.46 -19.11 2.21
CA LYS A 517 23.94 -18.49 3.44
C LYS A 517 23.22 -17.16 3.66
N GLY A 518 23.15 -16.73 4.92
CA GLY A 518 22.58 -15.45 5.29
C GLY A 518 23.55 -14.29 5.14
N ILE A 519 23.07 -13.10 5.46
CA ILE A 519 23.92 -11.93 5.57
C ILE A 519 24.32 -11.73 7.06
N ARG A 520 25.61 -11.67 7.35
CA ARG A 520 25.99 -11.52 8.77
C ARG A 520 26.57 -10.15 9.08
N PHE A 521 26.34 -9.67 10.30
CA PHE A 521 26.94 -8.42 10.77
C PHE A 521 27.89 -8.64 11.95
N LEU A 522 28.63 -7.60 12.34
CA LEU A 522 29.53 -7.66 13.50
C LEU A 522 28.78 -7.69 14.85
N GLY B 18 25.12 31.94 -10.45
CA GLY B 18 26.26 32.79 -10.94
C GLY B 18 26.32 34.20 -10.37
N SER B 19 26.12 34.34 -9.06
CA SER B 19 26.29 35.60 -8.34
C SER B 19 27.37 35.46 -7.28
N HIS B 20 28.35 36.36 -7.29
CA HIS B 20 29.52 36.19 -6.44
C HIS B 20 29.36 36.71 -5.01
N MET B 21 28.15 37.14 -4.64
CA MET B 21 27.91 37.66 -3.30
C MET B 21 28.25 36.63 -2.22
N LYS B 22 29.05 37.05 -1.24
CA LYS B 22 29.49 36.17 -0.17
C LYS B 22 28.31 35.69 0.65
N LEU B 23 28.27 34.39 0.90
CA LEU B 23 27.31 33.81 1.82
C LEU B 23 27.73 34.17 3.24
N GLN B 24 26.81 34.75 4.01
CA GLN B 24 27.13 35.29 5.32
C GLN B 24 26.02 35.08 6.34
N PHE B 25 26.43 34.87 7.60
CA PHE B 25 25.53 34.70 8.74
C PHE B 25 25.71 35.86 9.73
N ASN B 26 24.58 36.33 10.27
CA ASN B 26 24.55 37.44 11.24
C ASN B 26 23.70 37.08 12.46
N LEU B 27 24.38 36.82 13.58
CA LEU B 27 23.71 36.46 14.83
C LEU B 27 23.74 37.61 15.81
N LYS B 28 22.59 37.89 16.43
CA LYS B 28 22.52 38.82 17.55
C LYS B 28 21.85 38.12 18.72
N ALA B 29 22.64 37.87 19.78
CA ALA B 29 22.22 37.04 20.90
C ALA B 29 22.72 37.54 22.27
N TYR B 30 22.25 36.89 23.33
CA TYR B 30 22.79 37.09 24.68
C TYR B 30 22.84 35.82 25.53
N PHE B 31 23.90 35.68 26.32
CA PHE B 31 24.05 34.59 27.28
C PHE B 31 23.34 34.94 28.59
N LYS B 32 23.28 33.97 29.51
CA LYS B 32 22.67 34.18 30.82
C LYS B 32 23.26 33.24 31.87
N ALA B 35 27.97 31.83 36.15
CA ALA B 35 26.52 31.73 36.49
C ALA B 35 25.77 33.02 36.12
N ASP B 36 25.94 34.06 36.95
CA ASP B 36 25.30 35.38 36.74
C ASP B 36 25.77 36.52 37.69
N PRO B 37 26.95 37.13 37.39
CA PRO B 37 27.34 38.41 37.99
C PRO B 37 27.08 39.60 37.03
N THR B 38 27.79 40.72 37.24
CA THR B 38 27.71 41.88 36.34
C THR B 38 29.09 42.41 35.88
N PRO B 39 29.95 42.86 36.81
CA PRO B 39 31.27 43.33 36.39
C PRO B 39 32.33 42.22 36.43
N ALA B 40 32.75 41.77 35.25
CA ALA B 40 33.68 40.64 35.11
C ALA B 40 34.45 40.73 33.79
N LYS B 41 34.51 41.93 33.23
CA LYS B 41 34.79 42.11 31.80
C LYS B 41 36.22 41.89 31.30
N ASP B 42 37.18 41.80 32.22
CA ASP B 42 38.59 41.58 31.86
C ASP B 42 38.78 40.37 30.93
N ALA B 43 38.33 39.21 31.41
CA ALA B 43 38.44 37.97 30.65
C ALA B 43 37.47 37.96 29.47
N ILE B 44 36.34 38.65 29.61
CA ILE B 44 35.34 38.77 28.54
C ILE B 44 35.93 39.45 27.31
N ALA B 45 36.69 40.52 27.53
CA ALA B 45 37.42 41.19 26.46
C ALA B 45 38.48 40.24 25.89
N ALA B 46 39.29 39.66 26.78
CA ALA B 46 40.42 38.80 26.42
C ALA B 46 40.02 37.45 25.82
N LEU B 47 38.80 37.00 26.09
CA LEU B 47 38.27 35.75 25.54
C LEU B 47 37.85 35.94 24.09
N PHE B 48 37.21 37.07 23.82
CA PHE B 48 36.66 37.41 22.50
C PHE B 48 37.76 37.58 21.45
N GLU B 49 38.90 38.15 21.86
CA GLU B 49 40.06 38.27 20.97
C GLU B 49 40.73 36.91 20.82
N GLU B 50 40.86 36.20 21.95
CA GLU B 50 41.42 34.85 21.96
C GLU B 50 40.47 33.85 21.30
N ALA B 51 39.27 34.29 20.97
CA ALA B 51 38.37 33.55 20.10
C ALA B 51 38.50 34.05 18.66
N ASN B 52 38.46 35.38 18.48
CA ASN B 52 38.44 36.00 17.16
C ASN B 52 39.66 35.70 16.28
N SER B 53 40.76 35.32 16.92
CA SER B 53 41.99 35.03 16.18
C SER B 53 42.56 33.65 16.52
N THR B 54 41.76 32.83 17.22
CA THR B 54 42.19 31.47 17.54
C THR B 54 41.05 30.46 17.54
N LEU B 55 40.13 30.59 18.51
CA LEU B 55 39.07 29.59 18.68
C LEU B 55 38.13 29.54 17.47
N LEU B 56 37.66 30.70 17.04
CA LEU B 56 36.73 30.79 15.93
C LEU B 56 37.43 30.58 14.58
N THR B 57 38.73 30.29 14.62
CA THR B 57 39.53 30.02 13.42
C THR B 57 39.38 28.58 12.92
N ARG B 58 39.41 27.64 13.85
CA ARG B 58 39.55 26.21 13.55
C ARG B 58 38.41 25.69 12.67
N GLY B 59 38.77 25.21 11.48
CA GLY B 59 37.82 24.68 10.51
C GLY B 59 37.87 25.47 9.20
N ALA B 60 37.82 26.79 9.33
CA ALA B 60 37.85 27.72 8.20
C ALA B 60 39.26 27.85 7.65
N PRO B 61 39.40 28.24 6.37
CA PRO B 61 40.75 28.56 5.88
C PRO B 61 41.16 29.93 6.40
N GLU B 62 42.40 30.34 6.08
CA GLU B 62 42.96 31.60 6.59
C GLU B 62 41.97 32.77 6.43
N GLY B 63 41.79 33.51 7.52
CA GLY B 63 40.95 34.72 7.54
C GLY B 63 39.49 34.53 7.14
N GLN B 64 38.95 33.34 7.41
CA GLN B 64 37.57 33.03 7.04
C GLN B 64 36.77 32.44 8.17
N GLY B 65 37.25 32.64 9.40
CA GLY B 65 36.54 32.14 10.58
C GLY B 65 35.57 33.18 11.10
N ALA B 66 34.75 32.78 12.06
CA ALA B 66 33.74 33.65 12.68
C ALA B 66 34.38 34.73 13.57
N LYS B 67 33.57 35.74 13.92
CA LYS B 67 34.01 36.91 14.69
C LYS B 67 32.88 37.55 15.49
N VAL B 68 33.15 37.81 16.77
CA VAL B 68 32.29 38.71 17.55
C VAL B 68 32.66 40.15 17.19
N THR B 69 31.68 40.88 16.66
CA THR B 69 31.92 42.19 16.07
C THR B 69 31.61 43.33 17.03
N GLU B 70 30.68 43.09 17.95
CA GLU B 70 30.40 44.01 19.07
C GLU B 70 29.72 43.30 20.25
N TRP B 71 29.61 43.99 21.38
CA TRP B 71 28.96 43.46 22.58
C TRP B 71 28.68 44.54 23.63
N LYS B 72 27.71 44.27 24.50
CA LYS B 72 27.43 45.10 25.67
C LYS B 72 27.03 44.23 26.85
N LEU B 73 26.41 44.81 27.88
CA LEU B 73 26.09 44.08 29.11
C LEU B 73 24.73 44.41 29.75
N GLY B 74 24.34 43.53 30.69
CA GLY B 74 23.20 43.75 31.57
C GLY B 74 23.60 43.29 32.97
N GLU B 75 22.62 43.13 33.86
CA GLU B 75 22.91 42.67 35.22
C GLU B 75 22.87 41.13 35.34
N ASP B 76 22.19 40.49 34.39
CA ASP B 76 22.08 39.03 34.36
C ASP B 76 22.60 38.47 33.02
N ARG B 77 22.46 39.29 31.98
CA ARG B 77 22.72 38.86 30.60
C ARG B 77 23.94 39.55 29.98
N ILE B 78 24.46 38.93 28.93
CA ILE B 78 25.67 39.37 28.25
C ILE B 78 25.41 39.29 26.74
N GLU B 79 25.00 40.42 26.14
CA GLU B 79 24.63 40.44 24.72
C GLU B 79 25.80 40.72 23.78
N LEU B 80 25.78 40.09 22.60
CA LEU B 80 26.83 40.24 21.59
C LEU B 80 26.32 40.03 20.17
N THR B 81 26.95 40.73 19.21
CA THR B 81 26.72 40.50 17.78
C THR B 81 27.84 39.60 17.24
N LEU B 82 27.46 38.61 16.45
CA LEU B 82 28.37 37.60 15.92
C LEU B 82 28.22 37.48 14.40
N GLN B 83 29.33 37.28 13.71
CA GLN B 83 29.36 37.22 12.24
C GLN B 83 30.17 36.06 11.72
N SER B 84 29.74 35.52 10.58
CA SER B 84 30.47 34.44 9.90
C SER B 84 30.07 34.28 8.44
N GLY B 85 30.96 33.64 7.68
CA GLY B 85 30.65 33.11 6.36
C GLY B 85 30.24 31.65 6.46
N ARG B 86 30.62 30.85 5.46
CA ARG B 86 30.15 29.46 5.35
C ARG B 86 30.83 28.49 6.32
N TYR B 87 32.05 28.80 6.73
CA TYR B 87 32.79 27.98 7.71
C TYR B 87 32.73 28.59 9.10
N VAL B 88 32.63 27.74 10.12
CA VAL B 88 32.48 28.18 11.51
C VAL B 88 31.27 29.10 11.60
N ARG B 89 30.08 28.54 11.46
CA ARG B 89 28.88 29.34 11.36
C ARG B 89 28.43 29.79 12.73
N VAL B 90 27.74 30.93 12.76
CA VAL B 90 27.31 31.55 14.01
C VAL B 90 26.57 30.62 14.96
N HIS B 91 25.73 29.74 14.43
CA HIS B 91 24.94 28.82 15.26
C HIS B 91 25.77 27.62 15.75
N ASP B 92 26.99 27.51 15.23
CA ASP B 92 27.96 26.54 15.71
C ASP B 92 29.03 27.27 16.54
N ALA B 93 29.37 28.48 16.10
CA ALA B 93 30.34 29.32 16.79
C ALA B 93 29.93 29.69 18.21
N ILE B 94 28.63 29.91 18.42
CA ILE B 94 28.11 30.38 19.69
C ILE B 94 28.19 29.32 20.80
N PHE B 95 28.22 28.04 20.40
CA PHE B 95 28.36 26.94 21.34
C PHE B 95 29.82 26.67 21.69
N ARG B 96 30.71 27.06 20.79
CA ARG B 96 32.14 27.10 21.07
C ARG B 96 32.44 28.17 22.14
N LEU B 97 31.68 29.27 22.08
CA LEU B 97 31.83 30.41 23.00
C LEU B 97 31.32 30.11 24.40
N ARG B 98 30.07 29.63 24.49
CA ARG B 98 29.47 29.22 25.76
C ARG B 98 30.37 28.23 26.51
N LYS B 99 31.10 27.41 25.76
CA LYS B 99 31.99 26.40 26.31
C LYS B 99 33.17 27.05 27.04
N GLN B 100 33.83 28.00 26.37
CA GLN B 100 34.97 28.70 26.96
C GLN B 100 34.52 29.76 27.96
N LEU B 101 33.44 30.46 27.63
CA LEU B 101 32.85 31.46 28.52
C LEU B 101 32.28 30.83 29.81
N ALA B 102 32.00 29.53 29.77
CA ALA B 102 31.62 28.77 30.97
C ALA B 102 32.82 28.52 31.87
N GLU B 103 34.02 28.50 31.28
CA GLU B 103 35.27 28.34 32.03
C GLU B 103 36.02 29.67 32.17
N ALA B 104 35.27 30.75 32.22
CA ALA B 104 35.77 32.06 32.60
C ALA B 104 35.24 32.37 34.00
N LEU B 105 33.91 32.48 34.10
CA LEU B 105 33.26 32.77 35.37
C LEU B 105 32.70 31.49 36.00
N GLY B 106 33.54 30.47 36.04
CA GLY B 106 33.26 29.26 36.79
C GLY B 106 33.80 29.43 38.20
N LYS B 107 35.10 29.15 38.35
CA LYS B 107 35.76 29.28 39.65
C LYS B 107 36.49 30.62 39.81
N LYS B 108 36.63 31.36 38.71
CA LYS B 108 37.25 32.69 38.74
C LYS B 108 36.34 33.72 39.41
N TYR B 109 35.07 33.73 39.03
CA TYR B 109 34.06 34.54 39.71
C TYR B 109 32.99 33.66 40.35
N ARG B 114 24.35 29.73 31.45
CA ARG B 114 23.06 29.13 31.80
C ARG B 114 22.07 28.97 30.64
N GLY B 115 22.33 29.66 29.52
CA GLY B 115 21.45 29.57 28.34
C GLY B 115 21.73 30.62 27.28
N ILE B 116 21.07 30.49 26.12
CA ILE B 116 21.22 31.41 24.99
C ILE B 116 19.85 31.88 24.46
N GLU B 117 19.72 33.18 24.21
CA GLU B 117 18.52 33.71 23.56
C GLU B 117 18.92 34.40 22.26
N VAL B 118 17.97 34.60 21.36
CA VAL B 118 18.28 35.16 20.03
C VAL B 118 17.49 36.44 19.70
N GLU B 119 18.21 37.55 19.53
CA GLU B 119 17.60 38.84 19.18
C GLU B 119 17.18 38.86 17.71
N SER B 120 18.09 38.46 16.83
CA SER B 120 17.77 38.28 15.40
C SER B 120 18.83 37.43 14.70
N PHE B 121 18.35 36.56 13.81
CA PHE B 121 19.21 35.70 13.02
C PHE B 121 19.02 36.01 11.55
N ILE B 122 20.10 36.36 10.85
CA ILE B 122 20.04 36.75 9.45
C ILE B 122 21.02 35.94 8.58
N ILE B 123 20.52 35.41 7.47
CA ILE B 123 21.39 34.81 6.45
C ILE B 123 21.24 35.54 5.13
N LYS B 124 22.36 36.01 4.59
CA LYS B 124 22.40 36.57 3.24
C LYS B 124 22.92 35.51 2.28
N VAL B 125 22.10 35.13 1.32
CA VAL B 125 22.42 34.02 0.42
C VAL B 125 22.52 34.56 -1.00
N PRO B 126 23.56 34.14 -1.75
CA PRO B 126 23.70 34.62 -3.12
C PRO B 126 22.67 33.98 -4.05
N ALA B 127 22.11 34.79 -4.95
CA ALA B 127 21.04 34.39 -5.86
C ALA B 127 20.94 35.38 -7.01
N ASP B 128 20.62 34.89 -8.21
CA ASP B 128 20.43 35.72 -9.39
C ASP B 128 19.00 36.24 -9.55
N HIS B 129 18.03 35.44 -9.14
CA HIS B 129 16.64 35.77 -9.39
C HIS B 129 15.83 35.96 -8.10
N GLU B 130 14.73 36.70 -8.21
CA GLU B 130 13.74 36.78 -7.15
C GLU B 130 13.13 35.40 -6.93
N LEU B 131 12.64 35.16 -5.72
CA LEU B 131 12.09 33.88 -5.33
C LEU B 131 10.84 34.14 -4.49
N ARG B 132 9.70 33.60 -4.90
CA ARG B 132 8.42 33.88 -4.21
C ARG B 132 8.27 33.27 -2.80
N MET B 133 8.03 34.14 -1.82
CA MET B 133 7.89 33.76 -0.40
C MET B 133 6.95 32.57 -0.22
N LEU B 134 7.32 31.65 0.67
CA LEU B 134 6.52 30.45 0.91
C LEU B 134 6.36 30.11 2.39
N LYS B 135 5.31 29.35 2.69
CA LYS B 135 5.07 28.83 4.03
C LYS B 135 6.19 27.88 4.42
N VAL B 136 7.24 28.43 5.03
CA VAL B 136 8.35 27.65 5.55
C VAL B 136 8.55 27.98 7.03
N PRO B 137 8.62 26.95 7.89
CA PRO B 137 8.78 27.15 9.32
C PRO B 137 10.12 27.79 9.69
N TYR B 138 10.14 28.50 10.82
CA TYR B 138 11.32 29.22 11.33
C TYR B 138 11.81 30.38 10.46
N ILE B 139 10.97 30.84 9.53
CA ILE B 139 11.31 32.01 8.72
C ILE B 139 10.33 33.14 8.97
N LYS B 140 10.83 34.21 9.56
CA LYS B 140 10.02 35.36 9.91
C LYS B 140 9.72 36.20 8.67
N SER B 141 10.76 36.57 7.93
CA SER B 141 10.61 37.31 6.67
C SER B 141 11.72 37.00 5.68
N MET B 142 11.52 37.48 4.45
CA MET B 142 12.48 37.31 3.36
C MET B 142 12.23 38.34 2.26
N GLU B 143 13.31 38.94 1.76
CA GLU B 143 13.23 39.90 0.66
C GLU B 143 14.57 40.02 -0.06
N ASN B 144 14.54 40.50 -1.29
CA ASN B 144 15.72 40.56 -2.15
C ASN B 144 16.67 41.69 -1.77
N ILE B 145 17.97 41.44 -1.93
CA ILE B 145 18.99 42.47 -1.72
C ILE B 145 19.96 42.44 -2.88
N GLU B 146 20.94 43.34 -2.84
CA GLU B 146 22.05 43.34 -3.77
C GLU B 146 22.72 41.96 -3.85
N GLY B 147 22.59 41.31 -5.01
CA GLY B 147 23.33 40.09 -5.28
C GLY B 147 22.78 38.79 -4.71
N GLY B 148 21.74 38.87 -3.88
CA GLY B 148 21.12 37.66 -3.38
C GLY B 148 19.83 37.86 -2.61
N ILE B 149 19.63 37.03 -1.60
CA ILE B 149 18.42 37.05 -0.79
C ILE B 149 18.78 37.12 0.68
N GLN B 150 18.03 37.91 1.45
CA GLN B 150 18.20 37.98 2.90
C GLN B 150 17.04 37.30 3.62
N LEU B 151 17.38 36.40 4.52
CA LEU B 151 16.37 35.74 5.36
C LEU B 151 16.46 36.22 6.81
N GLU B 152 15.31 36.48 7.41
CA GLU B 152 15.23 36.66 8.85
C GLU B 152 14.64 35.41 9.50
N LEU B 153 15.46 34.72 10.28
CA LEU B 153 15.04 33.49 10.93
C LEU B 153 14.39 33.74 12.30
N GLU B 154 13.50 32.84 12.69
CA GLU B 154 12.79 32.92 13.97
C GLU B 154 13.15 31.66 14.78
N VAL B 155 14.27 31.74 15.48
CA VAL B 155 14.93 30.56 16.01
C VAL B 155 15.37 30.77 17.47
N GLY B 156 15.36 29.69 18.26
CA GLY B 156 15.91 29.69 19.62
C GLY B 156 17.11 28.78 19.70
N GLU B 157 17.64 28.58 20.91
CA GLU B 157 18.87 27.80 21.05
C GLU B 157 18.71 26.35 20.61
N ALA B 158 17.59 25.75 20.99
CA ALA B 158 17.27 24.37 20.61
C ALA B 158 17.47 24.16 19.10
N GLU B 159 16.88 25.05 18.31
CA GLU B 159 17.00 25.06 16.85
C GLU B 159 18.45 25.06 16.35
N MET B 160 19.30 25.87 16.98
CA MET B 160 20.70 26.00 16.58
C MET B 160 21.54 24.74 16.82
N LYS B 161 21.25 24.03 17.92
CA LYS B 161 21.86 22.74 18.18
C LYS B 161 21.43 21.74 17.11
N ASN B 162 20.14 21.79 16.78
CA ASN B 162 19.55 20.95 15.74
C ASN B 162 20.09 21.23 14.35
N ARG B 163 20.69 22.42 14.18
CA ARG B 163 21.27 22.85 12.91
C ARG B 163 20.20 23.26 11.89
N VAL B 164 19.03 23.65 12.37
CA VAL B 164 17.96 24.11 11.50
C VAL B 164 18.40 25.25 10.52
N PRO B 165 19.17 26.26 10.99
CA PRO B 165 19.70 27.22 10.03
C PRO B 165 20.46 26.56 8.87
N ASP B 166 21.26 25.53 9.17
CA ASP B 166 21.95 24.80 8.11
C ASP B 166 20.97 24.19 7.12
N ARG B 167 19.88 23.62 7.64
CA ARG B 167 18.92 22.95 6.78
C ARG B 167 18.10 23.94 5.96
N ILE B 168 17.85 25.12 6.52
CA ILE B 168 17.14 26.19 5.83
C ILE B 168 18.00 26.73 4.71
N LEU B 169 19.30 26.63 4.84
CA LEU B 169 20.21 27.10 3.81
C LEU B 169 20.29 26.10 2.65
N THR B 170 20.18 24.81 2.97
CA THR B 170 20.23 23.77 1.96
C THR B 170 18.98 23.87 1.09
N LEU B 171 17.84 24.10 1.76
CA LEU B 171 16.56 24.31 1.09
C LEU B 171 16.64 25.51 0.15
N LEU B 172 16.93 26.68 0.71
CA LEU B 172 17.00 27.90 -0.07
C LEU B 172 17.93 27.83 -1.28
N GLU B 173 18.93 26.96 -1.22
CA GLU B 173 19.86 26.81 -2.34
C GLU B 173 19.27 25.89 -3.40
N GLU B 174 18.66 24.80 -2.95
CA GLU B 174 18.00 23.86 -3.84
C GLU B 174 17.10 24.66 -4.78
N LYS B 175 16.35 25.59 -4.20
CA LYS B 175 15.35 26.37 -4.89
C LYS B 175 15.99 27.46 -5.75
N ILE B 176 17.18 27.91 -5.34
CA ILE B 176 17.94 28.88 -6.13
C ILE B 176 18.45 28.22 -7.40
N GLU B 177 18.96 26.99 -7.27
CA GLU B 177 19.30 26.16 -8.44
C GLU B 177 18.10 25.92 -9.38
N ALA B 178 16.98 25.50 -8.80
CA ALA B 178 15.75 25.21 -9.54
C ALA B 178 15.30 26.36 -10.44
N ALA B 179 15.41 27.59 -9.95
CA ALA B 179 14.99 28.77 -10.70
C ALA B 179 15.95 29.10 -11.84
N GLN B 180 17.25 28.89 -11.62
CA GLN B 180 18.27 29.15 -12.64
C GLN B 180 18.14 28.25 -13.87
N TYR B 181 17.35 27.18 -13.73
CA TYR B 181 17.02 26.28 -14.84
C TYR B 181 16.03 26.90 -15.81
N GLU B 186 16.02 18.78 -18.33
CA GLU B 186 16.10 17.32 -18.18
C GLU B 186 17.22 16.72 -19.03
N HIS B 187 17.87 15.70 -18.49
CA HIS B 187 19.12 15.18 -19.06
C HIS B 187 19.00 13.79 -19.68
N TRP B 188 19.65 13.64 -20.82
CA TRP B 188 19.62 12.44 -21.65
C TRP B 188 20.77 12.54 -22.63
N ASN B 189 21.64 11.53 -22.66
CA ASN B 189 22.67 11.44 -23.70
C ASN B 189 23.15 10.01 -23.99
N LEU B 190 23.24 9.71 -25.30
CA LEU B 190 23.43 8.35 -25.81
C LEU B 190 24.70 7.65 -25.36
N LEU B 191 24.59 6.34 -25.13
CA LEU B 191 25.76 5.52 -24.84
C LEU B 191 25.93 4.40 -25.88
N TRP B 192 24.82 3.80 -26.30
CA TRP B 192 24.89 2.69 -27.22
C TRP B 192 23.56 2.53 -27.95
N GLN B 193 23.61 2.26 -29.25
CA GLN B 193 22.39 2.00 -30.00
C GLN B 193 22.48 0.84 -30.96
N ARG B 194 21.38 0.12 -31.12
CA ARG B 194 21.32 -1.02 -32.01
C ARG B 194 21.03 -0.58 -33.43
N GLU B 195 21.64 -1.26 -34.40
CA GLU B 195 21.28 -1.09 -35.81
C GLU B 195 19.77 -1.28 -35.95
N PRO B 196 19.09 -0.37 -36.67
CA PRO B 196 17.65 -0.44 -36.85
C PRO B 196 17.17 -1.76 -37.45
N MET B 197 15.94 -2.16 -37.12
CA MET B 197 15.37 -3.40 -37.64
C MET B 197 14.05 -3.13 -38.37
N GLU B 198 13.72 -3.97 -39.36
CA GLU B 198 12.40 -3.91 -40.01
C GLU B 198 11.36 -4.19 -38.95
N HIS B 199 10.27 -3.43 -38.99
CA HIS B 199 9.23 -3.51 -37.99
C HIS B 199 7.88 -3.83 -38.62
N PRO B 200 7.60 -5.13 -38.81
CA PRO B 200 6.38 -5.58 -39.49
C PRO B 200 5.13 -5.67 -38.61
N PHE B 201 5.26 -5.42 -37.31
CA PHE B 201 4.08 -5.36 -36.47
C PHE B 201 3.91 -3.93 -36.03
N LYS B 202 2.81 -3.31 -36.44
CA LYS B 202 2.67 -1.87 -36.32
C LYS B 202 1.53 -1.45 -35.41
N GLU B 203 1.00 -2.37 -34.61
CA GLU B 203 -0.06 -2.01 -33.70
C GLU B 203 0.33 -1.95 -32.24
N ASP B 204 -0.44 -1.16 -31.50
CA ASP B 204 -0.34 -0.92 -30.08
C ASP B 204 -0.74 -2.19 -29.35
N PRO B 205 0.23 -2.83 -28.66
CA PRO B 205 0.13 -4.16 -28.04
C PRO B 205 -1.00 -4.33 -27.03
N THR B 206 -1.41 -3.23 -26.40
CA THR B 206 -2.40 -3.32 -25.37
C THR B 206 -3.75 -3.50 -26.03
N GLN B 207 -3.94 -2.80 -27.15
CA GLN B 207 -5.17 -2.92 -27.92
C GLN B 207 -5.28 -4.32 -28.50
N ALA B 208 -4.15 -4.84 -28.97
CA ALA B 208 -4.04 -6.19 -29.55
C ALA B 208 -4.34 -7.27 -28.51
N MET B 209 -3.86 -7.04 -27.29
CA MET B 209 -3.99 -8.02 -26.23
C MET B 209 -5.42 -7.99 -25.73
N MET B 210 -6.03 -6.80 -25.70
CA MET B 210 -7.41 -6.71 -25.25
C MET B 210 -8.30 -7.39 -26.29
N LYS B 211 -8.04 -7.13 -27.56
CA LYS B 211 -8.84 -7.74 -28.61
C LYS B 211 -8.71 -9.26 -28.69
N GLU B 212 -7.61 -9.82 -28.19
CA GLU B 212 -7.41 -11.27 -28.28
C GLU B 212 -7.47 -12.02 -26.95
N GLY B 213 -7.96 -11.39 -25.90
CA GLY B 213 -8.24 -12.08 -24.64
C GLY B 213 -7.09 -12.25 -23.66
N TRP B 214 -5.98 -11.57 -23.91
CA TRP B 214 -4.83 -11.62 -23.01
C TRP B 214 -5.03 -10.91 -21.69
N LEU B 215 -5.71 -9.77 -21.72
CA LEU B 215 -5.93 -8.96 -20.53
C LEU B 215 -7.18 -8.09 -20.58
N LYS B 216 -7.50 -7.50 -19.44
CA LYS B 216 -8.59 -6.53 -19.33
C LYS B 216 -8.12 -5.50 -18.31
N ARG B 217 -8.85 -4.38 -18.22
CA ARG B 217 -8.56 -3.36 -17.25
C ARG B 217 -8.98 -3.75 -15.86
N GLY B 218 -8.13 -3.46 -14.88
CA GLY B 218 -8.53 -3.58 -13.47
C GLY B 218 -9.50 -2.47 -13.09
N SER B 219 -10.20 -2.64 -11.99
CA SER B 219 -11.04 -1.57 -11.46
C SER B 219 -10.31 -0.24 -11.18
N SER B 220 -9.11 -0.29 -10.61
CA SER B 220 -8.39 0.91 -10.20
C SER B 220 -7.76 1.57 -11.41
N ARG B 221 -7.36 2.82 -11.26
CA ARG B 221 -6.70 3.58 -12.31
C ARG B 221 -5.30 3.03 -12.63
N GLY B 222 -5.00 2.90 -13.91
CA GLY B 222 -3.70 2.39 -14.34
C GLY B 222 -3.46 0.94 -14.00
N GLN B 223 -4.53 0.18 -13.80
CA GLN B 223 -4.51 -1.20 -13.32
C GLN B 223 -5.01 -2.21 -14.38
N TRP B 224 -4.38 -3.38 -14.38
CA TRP B 224 -4.66 -4.42 -15.39
C TRP B 224 -4.78 -5.82 -14.79
N ILE B 225 -5.71 -6.62 -15.29
CA ILE B 225 -5.81 -8.02 -14.90
C ILE B 225 -5.20 -8.87 -15.99
N HIS B 226 -4.23 -9.67 -15.62
CA HIS B 226 -3.54 -10.44 -16.63
C HIS B 226 -4.13 -11.82 -16.70
N GLY B 227 -4.71 -12.14 -17.86
CA GLY B 227 -5.16 -13.49 -18.14
C GLY B 227 -3.95 -14.40 -18.35
N PRO B 228 -4.19 -15.71 -18.54
CA PRO B 228 -3.12 -16.68 -18.72
C PRO B 228 -2.11 -16.36 -19.83
N GLN B 229 -2.56 -15.95 -21.02
CA GLN B 229 -1.60 -15.64 -22.09
C GLN B 229 -0.61 -14.55 -21.69
N SER B 230 -1.12 -13.41 -21.22
CA SER B 230 -0.29 -12.33 -20.74
C SER B 230 0.63 -12.76 -19.61
N ALA B 231 0.07 -13.46 -18.61
CA ALA B 231 0.83 -13.91 -17.44
C ALA B 231 2.01 -14.81 -17.81
N ARG B 232 1.85 -15.63 -18.85
CA ARG B 232 2.94 -16.50 -19.27
C ARG B 232 4.12 -15.68 -19.81
N ILE B 233 3.81 -14.53 -20.39
CA ILE B 233 4.85 -13.63 -20.88
C ILE B 233 5.68 -13.07 -19.74
N PHE B 234 5.00 -12.55 -18.72
CA PHE B 234 5.65 -12.02 -17.52
C PHE B 234 6.51 -13.06 -16.83
N ARG B 235 5.97 -14.27 -16.68
CA ARG B 235 6.69 -15.37 -16.04
C ARG B 235 7.94 -15.76 -16.81
N THR B 236 7.85 -15.70 -18.14
CA THR B 236 8.98 -16.05 -18.98
C THR B 236 10.07 -15.00 -18.86
N PHE B 237 9.69 -13.73 -18.92
CA PHE B 237 10.63 -12.64 -18.69
C PHE B 237 11.33 -12.82 -17.34
N GLU B 238 10.51 -13.06 -16.32
CA GLU B 238 11.01 -13.37 -14.99
C GLU B 238 12.07 -14.48 -15.05
N LYS B 239 11.69 -15.64 -15.60
CA LYS B 239 12.59 -16.79 -15.74
C LYS B 239 13.90 -16.44 -16.46
N ILE B 240 13.80 -15.58 -17.47
CA ILE B 240 14.99 -15.17 -18.20
C ILE B 240 15.94 -14.39 -17.29
N VAL B 241 15.39 -13.52 -16.44
CA VAL B 241 16.22 -12.74 -15.51
C VAL B 241 16.93 -13.64 -14.47
N LEU B 242 16.21 -14.64 -13.98
CA LEU B 242 16.75 -15.62 -13.04
C LEU B 242 17.90 -16.47 -13.61
N GLU B 243 17.72 -17.03 -14.81
CA GLU B 243 18.69 -17.96 -15.37
C GLU B 243 19.81 -17.30 -16.14
N GLU B 244 19.51 -16.19 -16.80
CA GLU B 244 20.49 -15.53 -17.68
C GLU B 244 21.21 -14.38 -17.02
N LEU B 245 20.69 -13.92 -15.89
CA LEU B 245 21.31 -12.84 -15.17
C LEU B 245 21.61 -13.22 -13.71
N LEU B 246 20.55 -13.45 -12.93
CA LEU B 246 20.63 -13.52 -11.48
C LEU B 246 21.48 -14.66 -10.90
N GLU B 247 21.43 -15.84 -11.52
CA GLU B 247 22.24 -16.96 -11.03
C GLU B 247 23.71 -16.88 -11.43
N PRO B 248 24.03 -16.80 -12.74
CA PRO B 248 25.44 -16.63 -13.12
C PRO B 248 26.16 -15.48 -12.41
N LEU B 249 25.41 -14.51 -11.91
CA LEU B 249 26.03 -13.35 -11.28
C LEU B 249 26.11 -13.47 -9.76
N GLY B 250 25.31 -14.37 -9.17
CA GLY B 250 25.45 -14.76 -7.77
C GLY B 250 24.48 -14.07 -6.84
N TYR B 251 23.33 -13.68 -7.37
CA TYR B 251 22.36 -12.94 -6.61
C TYR B 251 21.48 -13.86 -5.79
N ARG B 252 21.28 -13.50 -4.53
CA ARG B 252 20.51 -14.30 -3.60
C ARG B 252 19.18 -13.63 -3.42
N GLU B 253 18.11 -14.39 -3.58
CA GLU B 253 16.75 -13.86 -3.41
C GLU B 253 16.44 -13.44 -1.97
N MET B 254 15.77 -12.30 -1.82
CA MET B 254 15.20 -11.90 -0.53
C MET B 254 13.73 -11.59 -0.69
N ILE B 255 13.06 -11.18 0.38
CA ILE B 255 11.68 -10.69 0.29
C ILE B 255 11.58 -9.33 1.01
N PHE B 256 11.65 -8.25 0.23
CA PHE B 256 11.49 -6.91 0.78
C PHE B 256 9.98 -6.68 1.04
N PRO B 257 9.62 -5.99 2.14
CA PRO B 257 8.21 -5.64 2.38
C PRO B 257 7.67 -4.60 1.40
N LYS B 258 6.34 -4.50 1.32
CA LYS B 258 5.73 -3.69 0.28
C LYS B 258 4.94 -2.52 0.86
N LEU B 259 4.64 -2.54 2.16
CA LEU B 259 4.10 -1.35 2.84
C LEU B 259 5.30 -0.55 3.33
N VAL B 260 5.48 0.66 2.80
CA VAL B 260 6.63 1.50 3.16
C VAL B 260 6.24 2.66 4.10
N THR B 261 7.05 2.86 5.14
CA THR B 261 6.78 3.84 6.17
C THR B 261 7.69 5.05 6.04
N TRP B 262 7.24 6.17 6.63
CA TRP B 262 8.01 7.41 6.67
C TRP B 262 9.42 7.18 7.17
N GLU B 263 9.58 6.22 8.08
CA GLU B 263 10.89 5.87 8.61
C GLU B 263 11.85 5.49 7.49
N VAL B 264 11.39 4.62 6.59
CA VAL B 264 12.20 4.20 5.44
C VAL B 264 12.42 5.34 4.45
N TRP B 265 11.36 6.10 4.16
CA TRP B 265 11.50 7.20 3.19
C TRP B 265 12.29 8.40 3.71
N MET B 266 12.40 8.52 5.04
CA MET B 266 13.24 9.57 5.62
C MET B 266 14.70 9.20 5.36
N LYS B 267 15.05 7.96 5.67
CA LYS B 267 16.42 7.49 5.46
C LYS B 267 16.85 7.38 4.00
N SER B 268 15.97 6.91 3.10
CA SER B 268 16.31 6.90 1.65
C SER B 268 16.34 8.30 1.02
N GLY B 269 15.55 9.21 1.57
CA GLY B 269 15.57 10.59 1.11
C GLY B 269 14.33 10.96 0.33
N HIS B 270 13.46 9.97 0.09
CA HIS B 270 12.25 10.17 -0.68
C HIS B 270 11.31 11.12 0.02
N ALA B 271 11.49 11.25 1.34
CA ALA B 271 10.69 12.15 2.16
C ALA B 271 11.02 13.59 1.81
N LYS B 272 12.05 13.75 0.98
CA LYS B 272 12.43 15.07 0.49
C LYS B 272 11.55 15.57 -0.67
N GLY B 273 10.59 14.75 -1.13
CA GLY B 273 9.66 15.25 -2.15
C GLY B 273 8.91 14.27 -3.05
N VAL B 274 8.80 13.01 -2.64
CA VAL B 274 8.09 12.05 -3.47
C VAL B 274 6.57 12.25 -3.47
N TYR B 275 6.08 13.14 -2.60
CA TYR B 275 4.66 13.19 -2.23
C TYR B 275 3.59 13.17 -3.36
N PRO B 276 3.78 13.92 -4.46
CA PRO B 276 2.76 13.89 -5.51
C PRO B 276 2.51 12.54 -6.24
N GLU B 277 3.36 11.53 -6.04
CA GLU B 277 3.25 10.33 -6.84
C GLU B 277 3.02 9.04 -6.07
N ILE B 278 2.65 9.12 -4.81
CA ILE B 278 2.49 7.89 -4.07
C ILE B 278 1.06 7.62 -3.78
N TYR B 279 0.75 6.35 -3.60
CA TYR B 279 -0.51 5.90 -3.04
C TYR B 279 -0.32 5.76 -1.52
N TYR B 280 -1.07 6.55 -0.77
CA TYR B 280 -0.88 6.69 0.65
C TYR B 280 -1.66 5.61 1.36
N VAL B 281 -1.07 5.04 2.43
CA VAL B 281 -1.77 4.04 3.22
C VAL B 281 -2.14 4.61 4.60
N CYS B 282 -3.35 4.30 5.06
CA CYS B 282 -3.82 4.69 6.36
C CYS B 282 -4.45 3.48 6.99
N PRO B 283 -3.99 3.12 8.21
CA PRO B 283 -4.56 2.01 8.94
C PRO B 283 -5.81 2.50 9.68
N PRO B 284 -6.69 1.59 10.13
CA PRO B 284 -7.82 2.10 10.92
C PRO B 284 -7.33 2.62 12.27
N GLN B 285 -8.08 3.51 12.91
CA GLN B 285 -7.66 3.98 14.22
C GLN B 285 -7.85 2.91 15.26
N THR B 286 -8.79 2.01 15.00
CA THR B 286 -9.05 0.91 15.88
C THR B 286 -9.81 -0.21 15.16
N ARG B 287 -9.68 -1.44 15.67
CA ARG B 287 -10.42 -2.60 15.19
C ARG B 287 -11.78 -2.71 15.86
N ASP B 288 -11.99 -1.91 16.90
CA ASP B 288 -13.27 -1.84 17.62
C ASP B 288 -14.42 -1.75 16.61
N PRO B 289 -15.23 -2.81 16.49
CA PRO B 289 -16.19 -2.83 15.40
C PRO B 289 -17.39 -1.93 15.67
N ASP B 290 -17.51 -1.42 16.90
CA ASP B 290 -18.53 -0.41 17.20
C ASP B 290 -18.17 0.93 16.58
N TYR B 291 -16.87 1.17 16.41
CA TYR B 291 -16.37 2.38 15.82
C TYR B 291 -16.64 2.38 14.33
N TRP B 292 -16.84 1.20 13.76
CA TRP B 292 -17.02 1.03 12.33
C TRP B 292 -18.47 0.72 11.97
N GLU B 293 -19.25 0.38 12.99
CA GLU B 293 -20.67 0.11 12.86
C GLU B 293 -21.40 1.15 12.00
N GLU B 294 -21.00 2.41 12.14
CA GLU B 294 -21.65 3.51 11.43
C GLU B 294 -21.40 3.47 9.93
N VAL B 295 -20.20 3.05 9.54
CA VAL B 295 -19.85 2.90 8.12
C VAL B 295 -20.74 1.82 7.50
N ALA B 296 -20.61 0.59 8.02
CA ALA B 296 -21.48 -0.53 7.67
C ALA B 296 -22.94 -0.16 7.37
N ASP B 297 -23.56 0.57 8.31
CA ASP B 297 -24.98 0.93 8.22
C ASP B 297 -25.31 1.82 7.05
N TYR B 298 -24.46 2.81 6.81
CA TYR B 298 -24.62 3.71 5.67
C TYR B 298 -24.74 2.90 4.39
N TYR B 299 -23.75 2.03 4.18
CA TYR B 299 -23.70 1.15 3.01
C TYR B 299 -24.95 0.28 2.84
N LYS B 300 -25.44 -0.31 3.93
CA LYS B 300 -26.62 -1.16 3.87
C LYS B 300 -27.90 -0.40 3.56
N VAL B 301 -27.95 0.87 3.94
CA VAL B 301 -29.13 1.68 3.64
C VAL B 301 -29.04 2.34 2.26
N THR B 302 -27.92 2.98 1.97
CA THR B 302 -27.78 3.70 0.70
C THR B 302 -27.19 2.89 -0.45
N HIS B 303 -26.63 1.71 -0.15
CA HIS B 303 -25.73 0.98 -1.06
C HIS B 303 -24.57 1.84 -1.58
N GLU B 304 -24.22 2.88 -0.83
CA GLU B 304 -23.02 3.67 -1.12
C GLU B 304 -22.06 3.60 0.04
N VAL B 305 -20.78 3.55 -0.29
CA VAL B 305 -19.71 3.60 0.71
C VAL B 305 -19.47 5.06 1.10
N PRO B 306 -19.55 5.37 2.41
CA PRO B 306 -19.32 6.75 2.83
C PRO B 306 -17.84 7.07 2.92
N THR B 307 -17.24 7.54 1.83
CA THR B 307 -15.78 7.72 1.82
C THR B 307 -15.32 8.85 2.75
N LYS B 308 -16.12 9.91 2.85
CA LYS B 308 -15.84 11.05 3.72
C LYS B 308 -15.77 10.60 5.18
N LEU B 309 -16.78 9.84 5.58
CA LEU B 309 -16.83 9.26 6.92
C LEU B 309 -15.62 8.35 7.19
N ILE B 310 -15.27 7.51 6.23
CA ILE B 310 -14.10 6.63 6.39
C ILE B 310 -12.87 7.48 6.60
N LYS B 311 -12.70 8.51 5.78
CA LYS B 311 -11.54 9.41 5.86
C LYS B 311 -11.38 9.94 7.28
N GLU B 312 -12.49 10.17 7.97
CA GLU B 312 -12.45 10.66 9.34
C GLU B 312 -12.12 9.58 10.37
N LYS B 313 -12.33 8.32 10.01
CA LYS B 313 -12.15 7.22 10.93
C LYS B 313 -10.80 6.51 10.76
N ILE B 314 -10.20 6.70 9.59
CA ILE B 314 -8.88 6.14 9.33
C ILE B 314 -7.82 6.98 10.02
N ALA B 315 -6.68 6.37 10.32
CA ALA B 315 -5.58 7.06 10.97
C ALA B 315 -4.93 7.98 9.97
N GLU B 316 -3.97 8.78 10.45
CA GLU B 316 -3.11 9.54 9.56
C GLU B 316 -2.21 8.58 8.75
N PRO B 317 -1.78 8.98 7.54
CA PRO B 317 -0.97 8.03 6.76
C PRO B 317 0.31 7.57 7.47
N ILE B 318 0.63 6.30 7.34
CA ILE B 318 1.83 5.73 7.98
C ILE B 318 2.95 5.62 6.96
N GLY B 319 2.57 5.91 5.70
CA GLY B 319 3.44 5.83 4.56
C GLY B 319 2.66 5.59 3.30
N GLY B 320 3.16 4.70 2.46
CA GLY B 320 2.52 4.47 1.18
C GLY B 320 2.94 3.15 0.62
N MET B 321 2.33 2.76 -0.50
N MET B 321 2.30 2.74 -0.47
CA MET B 321 2.66 1.52 -1.17
CA MET B 321 2.67 1.49 -1.14
C MET B 321 4.02 1.64 -1.83
C MET B 321 3.99 1.62 -1.86
N CYS B 322 4.73 0.53 -1.86
CA CYS B 322 6.03 0.43 -2.53
C CYS B 322 6.12 1.28 -3.81
N TYR B 323 7.09 2.20 -3.80
CA TYR B 323 7.33 3.19 -4.84
C TYR B 323 8.60 2.90 -5.65
N ALA B 324 9.67 2.53 -4.94
CA ALA B 324 10.98 2.37 -5.56
C ALA B 324 11.57 0.98 -5.33
N GLN B 325 10.95 0.23 -4.41
CA GLN B 325 11.29 -1.17 -4.08
C GLN B 325 12.54 -1.47 -3.22
N CYS B 326 13.66 -0.80 -3.45
CA CYS B 326 14.84 -1.04 -2.59
C CYS B 326 14.74 -0.37 -1.21
N PRO B 327 14.12 0.83 -1.13
CA PRO B 327 14.20 1.52 0.15
C PRO B 327 13.93 0.62 1.36
N PRO B 328 12.89 -0.25 1.29
CA PRO B 328 12.53 -0.99 2.50
C PRO B 328 13.42 -2.18 2.80
N PHE B 329 14.21 -2.61 1.81
CA PHE B 329 15.21 -3.65 2.02
C PHE B 329 16.28 -3.16 3.03
N TRP B 330 16.55 -1.86 3.01
CA TRP B 330 17.64 -1.30 3.75
C TRP B 330 17.43 -1.32 5.28
N MET B 331 16.22 -1.63 5.74
CA MET B 331 16.05 -1.85 7.18
C MET B 331 16.75 -3.12 7.61
N TYR B 332 17.09 -3.97 6.63
CA TYR B 332 17.70 -5.26 6.92
C TYR B 332 19.12 -5.05 7.39
N VAL B 333 19.74 -4.00 6.87
CA VAL B 333 21.13 -3.74 7.13
C VAL B 333 21.35 -2.42 7.88
N ALA B 334 20.28 -1.74 8.27
CA ALA B 334 20.41 -0.46 8.98
C ALA B 334 21.13 -0.65 10.31
N GLY B 335 21.99 0.30 10.66
CA GLY B 335 22.62 0.34 11.97
C GLY B 335 23.66 -0.75 12.13
N GLU B 336 23.92 -1.48 11.03
CA GLU B 336 24.82 -2.61 11.07
C GLU B 336 26.15 -2.29 10.44
N THR B 337 27.14 -3.11 10.80
CA THR B 337 28.42 -3.12 10.14
C THR B 337 28.50 -4.42 9.35
N LEU B 338 29.23 -4.41 8.24
CA LEU B 338 29.40 -5.60 7.44
C LEU B 338 30.86 -5.98 7.42
N PRO B 339 31.16 -7.26 7.72
CA PRO B 339 32.51 -7.82 7.59
C PRO B 339 32.94 -7.77 6.13
N ASN B 340 34.23 -7.58 5.89
CA ASN B 340 34.71 -7.51 4.51
C ASN B 340 34.54 -8.81 3.71
N GLU B 341 34.59 -9.93 4.41
CA GLU B 341 34.27 -11.24 3.81
C GLU B 341 32.85 -11.31 3.18
N GLU B 342 31.97 -10.39 3.55
CA GLU B 342 30.53 -10.51 3.29
C GLU B 342 30.00 -9.63 2.13
N ILE B 343 30.93 -8.91 1.49
CA ILE B 343 30.58 -8.04 0.38
C ILE B 343 31.38 -8.45 -0.86
N PRO B 344 30.80 -8.29 -2.07
CA PRO B 344 29.52 -7.65 -2.35
C PRO B 344 28.28 -8.44 -1.95
N VAL B 345 27.39 -7.80 -1.18
CA VAL B 345 26.05 -8.31 -0.95
C VAL B 345 25.27 -8.10 -2.25
N LYS B 346 24.79 -9.20 -2.82
CA LYS B 346 24.01 -9.16 -4.05
C LYS B 346 22.70 -9.86 -3.80
N VAL B 347 21.64 -9.05 -3.67
CA VAL B 347 20.30 -9.56 -3.41
C VAL B 347 19.36 -9.07 -4.51
N PHE B 348 18.16 -9.65 -4.53
CA PHE B 348 17.07 -9.22 -5.41
C PHE B 348 15.72 -9.61 -4.82
N ASP B 349 14.68 -8.88 -5.22
CA ASP B 349 13.31 -9.13 -4.77
C ASP B 349 12.28 -9.13 -5.96
N ARG B 350 11.28 -9.99 -5.86
CA ARG B 350 10.25 -10.15 -6.87
C ARG B 350 8.95 -10.55 -6.18
N SER B 351 8.65 -9.90 -5.08
CA SER B 351 7.59 -10.38 -4.21
C SER B 351 6.31 -9.58 -4.24
N GLY B 352 6.11 -8.71 -5.22
CA GLY B 352 4.96 -7.83 -5.15
C GLY B 352 4.94 -6.61 -6.02
N THR B 353 3.86 -5.86 -5.90
CA THR B 353 3.54 -4.77 -6.82
C THR B 353 4.05 -3.42 -6.32
N SER B 354 4.52 -2.60 -7.26
CA SER B 354 4.79 -1.21 -6.97
C SER B 354 3.66 -0.33 -7.51
N HIS B 355 3.46 0.82 -6.87
CA HIS B 355 2.33 1.66 -7.14
C HIS B 355 2.80 3.09 -7.22
N ARG B 356 2.42 3.78 -8.30
CA ARG B 356 2.76 5.18 -8.55
C ARG B 356 1.59 5.92 -9.17
N TYR B 357 1.34 7.15 -8.73
CA TYR B 357 0.25 7.92 -9.31
C TYR B 357 0.72 8.70 -10.55
N GLU B 358 0.67 8.04 -11.70
CA GLU B 358 1.15 8.63 -12.98
C GLU B 358 0.24 9.71 -13.55
N SER B 359 0.72 10.42 -14.57
CA SER B 359 -0.06 11.44 -15.29
C SER B 359 -1.43 10.93 -15.72
N GLY B 360 -2.44 11.79 -15.60
CA GLY B 360 -3.79 11.47 -16.07
C GLY B 360 -3.77 11.05 -17.53
N GLY B 361 -4.90 10.54 -17.97
CA GLY B 361 -5.04 10.04 -19.34
C GLY B 361 -4.92 8.54 -19.29
N ILE B 362 -5.85 7.88 -19.96
CA ILE B 362 -5.79 6.42 -20.04
C ILE B 362 -4.64 5.99 -20.96
N HIS B 363 -3.91 4.99 -20.49
CA HIS B 363 -2.78 4.45 -21.21
C HIS B 363 -2.95 2.96 -21.36
N GLY B 364 -1.97 2.32 -21.99
CA GLY B 364 -1.86 0.87 -22.02
C GLY B 364 -0.87 0.40 -20.97
N ILE B 365 -0.35 -0.81 -21.17
CA ILE B 365 0.63 -1.38 -20.22
C ILE B 365 1.94 -0.59 -20.18
N GLU B 366 2.14 0.27 -21.18
CA GLU B 366 3.34 1.12 -21.25
C GLU B 366 3.42 2.27 -20.20
N ARG B 367 2.32 2.50 -19.48
CA ARG B 367 2.25 3.54 -18.45
C ARG B 367 1.16 3.21 -17.42
N VAL B 368 1.44 2.26 -16.55
CA VAL B 368 0.46 1.82 -15.58
C VAL B 368 0.71 2.51 -14.22
N ASP B 369 -0.20 2.29 -13.27
CA ASP B 369 -0.05 2.72 -11.88
C ASP B 369 0.30 1.56 -10.97
N GLU B 370 -0.17 0.38 -11.32
CA GLU B 370 0.17 -0.81 -10.58
C GLU B 370 1.12 -1.62 -11.47
N PHE B 371 2.39 -1.70 -11.09
CA PHE B 371 3.35 -2.45 -11.90
C PHE B 371 4.12 -3.57 -11.15
N HIS B 372 4.86 -4.39 -11.88
CA HIS B 372 5.53 -5.58 -11.33
C HIS B 372 7.01 -5.52 -11.70
N ARG B 373 7.88 -5.47 -10.70
CA ARG B 373 9.29 -5.25 -10.96
C ARG B 373 10.18 -6.22 -10.18
N ILE B 374 11.27 -6.63 -10.80
CA ILE B 374 12.29 -7.39 -10.15
C ILE B 374 13.34 -6.37 -9.75
N GLU B 375 13.38 -6.06 -8.45
CA GLU B 375 14.33 -5.10 -7.88
C GLU B 375 15.64 -5.79 -7.53
N ILE B 376 16.75 -5.27 -8.06
CA ILE B 376 18.07 -5.84 -7.85
C ILE B 376 18.94 -4.82 -7.10
N VAL B 377 19.67 -5.27 -6.07
CA VAL B 377 20.42 -4.36 -5.20
C VAL B 377 21.76 -4.96 -4.88
N TRP B 378 22.80 -4.13 -4.93
CA TRP B 378 24.13 -4.55 -4.47
C TRP B 378 24.86 -3.53 -3.61
N ILE B 379 25.52 -4.00 -2.54
CA ILE B 379 26.37 -3.16 -1.69
C ILE B 379 27.82 -3.64 -1.74
N GLY B 380 28.77 -2.72 -1.77
CA GLY B 380 30.19 -3.08 -1.73
C GLY B 380 31.06 -1.85 -1.66
N THR B 381 32.25 -1.94 -2.21
CA THR B 381 33.10 -0.76 -2.29
C THR B 381 32.84 -0.02 -3.58
N LYS B 382 33.25 1.24 -3.65
CA LYS B 382 33.19 2.01 -4.89
C LYS B 382 33.49 1.10 -6.08
N GLU B 383 34.66 0.45 -6.02
CA GLU B 383 35.13 -0.38 -7.11
C GLU B 383 34.23 -1.61 -7.34
N GLU B 384 33.99 -2.39 -6.29
CA GLU B 384 33.14 -3.57 -6.42
C GLU B 384 31.80 -3.23 -7.00
N VAL B 385 31.25 -2.09 -6.60
CA VAL B 385 29.94 -1.65 -7.06
C VAL B 385 29.97 -1.42 -8.57
N LEU B 386 30.90 -0.61 -9.07
CA LEU B 386 31.02 -0.40 -10.52
C LEU B 386 31.18 -1.71 -11.29
N LYS B 387 32.03 -2.60 -10.80
CA LYS B 387 32.25 -3.89 -11.44
C LYS B 387 30.95 -4.65 -11.52
N CYS B 388 30.20 -4.66 -10.42
CA CYS B 388 28.88 -5.28 -10.39
C CYS B 388 27.91 -4.68 -11.40
N ALA B 389 27.97 -3.35 -11.55
CA ALA B 389 27.15 -2.60 -12.51
C ALA B 389 27.52 -2.98 -13.92
N GLU B 390 28.82 -3.06 -14.20
CA GLU B 390 29.32 -3.47 -15.51
C GLU B 390 28.82 -4.87 -15.87
N GLU B 391 28.86 -5.79 -14.92
CA GLU B 391 28.42 -7.16 -15.15
C GLU B 391 26.95 -7.28 -15.54
N LEU B 392 26.09 -6.48 -14.92
CA LEU B 392 24.68 -6.44 -15.28
C LEU B 392 24.47 -5.89 -16.69
N HIS B 393 25.15 -4.78 -17.03
CA HIS B 393 25.10 -4.24 -18.36
C HIS B 393 25.44 -5.32 -19.40
N ASP B 394 26.45 -6.13 -19.10
CA ASP B 394 26.85 -7.22 -19.99
C ASP B 394 25.72 -8.24 -20.18
N ARG B 395 25.10 -8.68 -19.09
CA ARG B 395 24.08 -9.73 -19.18
C ARG B 395 22.78 -9.22 -19.81
N TYR B 396 22.49 -7.92 -19.65
CA TYR B 396 21.34 -7.31 -20.30
C TYR B 396 21.52 -7.23 -21.80
N MET B 397 22.71 -6.86 -22.25
CA MET B 397 22.99 -6.81 -23.68
C MET B 397 22.82 -8.18 -24.34
N HIS B 398 23.30 -9.23 -23.69
CA HIS B 398 23.07 -10.59 -24.19
C HIS B 398 21.57 -10.90 -24.32
N ILE B 399 20.79 -10.54 -23.32
CA ILE B 399 19.36 -10.84 -23.30
C ILE B 399 18.59 -10.09 -24.40
N PHE B 400 18.90 -8.80 -24.55
CA PHE B 400 18.10 -7.97 -25.44
C PHE B 400 18.51 -8.19 -26.88
N ASN B 401 19.80 -8.44 -27.07
CA ASN B 401 20.31 -8.73 -28.39
C ASN B 401 20.00 -10.14 -28.84
N ASP B 402 20.23 -11.11 -27.96
CA ASP B 402 20.23 -12.53 -28.34
C ASP B 402 18.95 -13.27 -28.04
N ILE B 403 18.31 -12.97 -26.91
CA ILE B 403 17.17 -13.76 -26.54
C ILE B 403 15.90 -13.07 -26.99
N LEU B 404 15.73 -11.81 -26.59
CA LEU B 404 14.58 -11.02 -27.01
C LEU B 404 14.71 -10.57 -28.45
N ASP B 405 15.94 -10.32 -28.90
CA ASP B 405 16.20 -9.90 -30.28
C ASP B 405 15.43 -8.62 -30.67
N ILE B 406 15.39 -7.67 -29.74
CA ILE B 406 14.66 -6.42 -29.94
C ILE B 406 15.57 -5.25 -30.32
N GLU B 407 14.96 -4.15 -30.78
CA GLU B 407 15.68 -2.92 -31.12
C GLU B 407 15.63 -2.00 -29.89
N TRP B 408 16.78 -1.48 -29.48
CA TRP B 408 16.92 -0.75 -28.22
C TRP B 408 18.16 0.11 -28.17
N ARG B 409 18.36 0.78 -27.03
CA ARG B 409 19.50 1.66 -26.80
C ARG B 409 19.66 1.94 -25.30
N LYS B 410 20.74 2.59 -24.92
CA LYS B 410 20.94 3.04 -23.53
C LYS B 410 21.59 4.42 -23.44
N ALA B 411 21.10 5.22 -22.50
CA ALA B 411 21.59 6.57 -22.28
C ALA B 411 21.77 6.90 -20.81
N ARG B 412 22.78 7.73 -20.55
CA ARG B 412 22.99 8.32 -19.23
C ARG B 412 21.93 9.41 -19.07
N VAL B 413 21.28 9.42 -17.92
CA VAL B 413 20.06 10.18 -17.70
C VAL B 413 20.08 10.78 -16.29
N THR B 414 19.09 11.62 -15.97
CA THR B 414 18.87 12.08 -14.59
C THR B 414 18.58 10.91 -13.63
N PRO B 415 19.43 10.77 -12.58
CA PRO B 415 19.34 9.66 -11.60
C PRO B 415 17.94 9.43 -11.04
N TRP B 416 17.57 8.16 -10.91
CA TRP B 416 16.28 7.75 -10.33
C TRP B 416 16.08 8.28 -8.90
N PHE B 417 17.16 8.36 -8.11
CA PHE B 417 17.02 8.87 -6.74
C PHE B 417 16.82 10.38 -6.72
N MET B 418 17.49 11.09 -7.63
CA MET B 418 17.33 12.54 -7.77
C MET B 418 15.91 12.93 -8.21
N ALA B 419 15.39 12.23 -9.22
CA ALA B 419 14.07 12.52 -9.80
C ALA B 419 12.92 12.29 -8.82
N GLN B 420 12.94 11.15 -8.12
CA GLN B 420 11.88 10.77 -7.19
C GLN B 420 11.89 11.61 -5.91
N GLU B 421 12.96 12.41 -5.79
CA GLU B 421 13.14 13.37 -4.70
C GLU B 421 13.05 14.81 -5.21
N GLY B 422 12.35 14.97 -6.34
CA GLY B 422 11.98 16.30 -6.85
C GLY B 422 12.95 16.98 -7.79
N LEU B 423 14.24 16.67 -7.68
CA LEU B 423 15.30 17.44 -8.36
C LEU B 423 15.80 16.90 -9.71
N LEU B 424 16.39 17.79 -10.52
CA LEU B 424 16.94 17.42 -11.83
C LEU B 424 18.47 17.59 -11.93
N GLY B 425 19.00 17.52 -13.15
CA GLY B 425 20.44 17.50 -13.38
C GLY B 425 21.05 16.12 -13.13
N LEU B 426 22.36 16.09 -12.92
CA LEU B 426 23.08 14.84 -12.63
C LEU B 426 23.81 14.97 -11.29
N ALA B 427 24.44 13.88 -10.85
CA ALA B 427 25.30 13.91 -9.65
C ALA B 427 26.76 14.23 -10.03
N GLU B 428 27.39 15.12 -9.26
CA GLU B 428 28.72 15.66 -9.63
C GLU B 428 29.93 14.73 -9.35
N GLU B 429 29.64 13.49 -8.92
CA GLU B 429 30.63 12.41 -8.99
C GLU B 429 30.54 11.73 -10.35
N ASN B 430 31.68 11.69 -11.04
CA ASN B 430 31.82 11.10 -12.38
C ASN B 430 30.86 9.93 -12.68
N THR B 431 30.81 8.95 -11.79
CA THR B 431 30.14 7.68 -12.12
C THR B 431 28.79 7.40 -11.43
N VAL B 432 28.39 8.27 -10.52
CA VAL B 432 27.07 8.17 -9.87
C VAL B 432 25.97 8.69 -10.80
N GLY B 433 24.96 7.87 -11.04
CA GLY B 433 23.83 8.26 -11.87
C GLY B 433 23.05 7.05 -12.33
N THR B 434 22.16 7.27 -13.28
CA THR B 434 21.34 6.20 -13.85
C THR B 434 21.58 6.06 -15.35
N THR B 435 21.63 4.81 -15.81
CA THR B 435 21.65 4.51 -17.23
C THR B 435 20.32 3.89 -17.57
N ASP B 436 19.61 4.52 -18.51
CA ASP B 436 18.32 4.03 -18.96
C ASP B 436 18.43 3.24 -20.25
N TYR B 437 17.65 2.16 -20.29
CA TYR B 437 17.43 1.38 -21.51
C TYR B 437 16.10 1.79 -22.12
N GLU B 438 16.12 2.15 -23.40
CA GLU B 438 14.89 2.53 -24.12
C GLU B 438 14.71 1.74 -25.39
N ALA B 439 13.45 1.41 -25.70
CA ALA B 439 13.09 0.73 -26.94
C ALA B 439 12.03 1.49 -27.73
N CYS B 440 12.03 1.27 -29.04
CA CYS B 440 11.05 1.92 -29.90
C CYS B 440 9.78 1.09 -29.96
N LEU B 441 8.67 1.78 -30.27
CA LEU B 441 7.35 1.14 -30.37
C LEU B 441 6.77 1.46 -31.75
N PRO B 442 6.90 0.53 -32.72
CA PRO B 442 6.60 0.82 -34.10
C PRO B 442 5.23 1.45 -34.33
N TYR B 443 4.28 1.25 -33.41
CA TYR B 443 2.94 1.83 -33.59
C TYR B 443 2.90 3.33 -33.33
N ARG B 444 3.98 3.90 -32.85
CA ARG B 444 4.04 5.31 -32.57
C ARG B 444 4.62 6.09 -33.71
N GLY B 445 5.06 5.37 -34.74
CA GLY B 445 5.59 5.97 -35.96
C GLY B 445 7.05 6.32 -35.89
N PRO B 446 7.64 6.70 -37.03
CA PRO B 446 9.08 7.01 -37.09
C PRO B 446 9.56 8.03 -36.05
N ASP B 447 8.68 8.94 -35.64
CA ASP B 447 9.04 10.03 -34.72
C ASP B 447 8.57 9.75 -33.31
N GLY B 448 8.12 8.51 -33.10
CA GLY B 448 7.61 8.11 -31.80
C GLY B 448 8.70 8.25 -30.76
N GLU B 449 8.32 8.80 -29.61
CA GLU B 449 9.17 8.81 -28.45
C GLU B 449 9.38 7.35 -28.06
N TRP B 450 10.64 6.98 -27.79
CA TRP B 450 10.96 5.61 -27.36
C TRP B 450 10.61 5.48 -25.90
N LEU B 451 10.46 4.23 -25.45
CA LEU B 451 10.02 3.89 -24.10
C LEU B 451 11.16 3.35 -23.26
N GLU B 452 11.25 3.81 -22.01
CA GLU B 452 12.26 3.32 -21.09
C GLU B 452 11.70 2.07 -20.42
N PHE B 453 12.54 1.04 -20.23
CA PHE B 453 12.03 -0.29 -19.85
C PHE B 453 12.93 -1.06 -18.89
N GLN B 454 14.08 -0.47 -18.59
CA GLN B 454 15.11 -1.12 -17.83
C GLN B 454 16.00 0.03 -17.37
N ASN B 455 16.46 -0.03 -16.12
CA ASN B 455 17.55 0.87 -15.68
C ASN B 455 18.63 0.21 -14.83
N VAL B 456 19.79 0.87 -14.78
CA VAL B 456 20.88 0.48 -13.92
C VAL B 456 21.44 1.74 -13.29
N SER B 457 21.57 1.75 -11.96
CA SER B 457 22.03 2.95 -11.26
C SER B 457 23.12 2.67 -10.25
N ILE B 458 24.13 3.53 -10.30
CA ILE B 458 25.12 3.59 -9.27
C ILE B 458 24.70 4.71 -8.31
N ASN B 459 24.32 4.31 -7.10
CA ASN B 459 23.79 5.25 -6.10
C ASN B 459 24.83 5.98 -5.25
N GLY B 460 26.09 5.56 -5.35
CA GLY B 460 27.16 6.15 -4.53
C GLY B 460 27.08 5.71 -3.07
N ASP B 461 27.37 6.65 -2.18
CA ASP B 461 27.32 6.38 -0.74
C ASP B 461 25.97 6.74 -0.11
N LYS B 462 25.01 7.13 -0.93
CA LYS B 462 23.74 7.64 -0.46
C LYS B 462 23.04 6.73 0.55
N TYR B 463 22.81 5.49 0.13
CA TYR B 463 22.03 4.55 0.93
C TYR B 463 22.73 4.04 2.19
N PRO B 464 24.02 3.64 2.10
CA PRO B 464 24.78 3.40 3.32
C PRO B 464 24.73 4.56 4.31
N LYS B 465 25.00 5.79 3.88
CA LYS B 465 24.99 6.95 4.78
C LYS B 465 23.63 7.14 5.42
N GLY B 466 22.58 7.01 4.62
CA GLY B 466 21.24 7.37 5.05
C GLY B 466 20.65 6.42 6.06
N PHE B 467 21.04 5.15 5.95
CA PHE B 467 20.55 4.10 6.84
C PHE B 467 21.61 3.73 7.87
N ASN B 468 22.74 4.43 7.78
CA ASN B 468 23.87 4.24 8.67
C ASN B 468 24.36 2.78 8.61
N VAL B 469 24.94 2.43 7.46
CA VAL B 469 25.50 1.11 7.23
C VAL B 469 26.99 1.24 7.03
N LYS B 470 27.74 0.73 8.01
CA LYS B 470 29.18 0.90 8.04
C LYS B 470 29.91 -0.35 7.55
N LEU B 471 31.21 -0.16 7.29
CA LEU B 471 32.07 -1.23 6.80
C LEU B 471 33.24 -1.52 7.76
N GLN B 472 33.39 -2.79 8.09
CA GLN B 472 34.34 -3.26 9.10
C GLN B 472 35.73 -2.63 9.01
N SER B 473 36.33 -2.65 7.83
CA SER B 473 37.65 -2.05 7.62
C SER B 473 37.62 -0.52 7.42
N GLY B 474 36.42 0.06 7.43
CA GLY B 474 36.28 1.52 7.54
C GLY B 474 36.27 2.34 6.26
N ASP B 475 36.35 1.69 5.11
CA ASP B 475 36.21 2.40 3.82
C ASP B 475 34.76 2.70 3.49
N GLU B 476 34.55 3.64 2.57
CA GLU B 476 33.21 4.02 2.08
C GLU B 476 32.41 2.86 1.49
N LEU B 477 31.19 2.70 1.97
CA LEU B 477 30.28 1.74 1.38
C LEU B 477 29.46 2.40 0.27
N TRP B 478 29.39 1.76 -0.88
CA TRP B 478 28.57 2.23 -2.00
C TRP B 478 27.51 1.22 -2.28
N SER B 479 26.45 1.66 -2.94
CA SER B 479 25.43 0.74 -3.39
C SER B 479 24.96 1.05 -4.82
N GLY B 480 24.25 0.08 -5.38
CA GLY B 480 23.68 0.19 -6.70
C GLY B 480 22.36 -0.57 -6.72
N CYS B 481 21.60 -0.35 -7.78
CA CYS B 481 20.34 -1.04 -7.98
C CYS B 481 19.86 -0.95 -9.44
N SER B 482 19.00 -1.91 -9.80
CA SER B 482 18.45 -2.02 -11.15
C SER B 482 17.06 -2.59 -11.03
N GLY B 483 16.10 -1.99 -11.71
CA GLY B 483 14.74 -2.47 -11.70
C GLY B 483 14.27 -2.85 -13.09
N VAL B 484 13.62 -4.01 -13.17
CA VAL B 484 13.21 -4.62 -14.43
C VAL B 484 11.71 -4.55 -14.40
N GLY B 485 11.13 -3.59 -15.11
CA GLY B 485 9.67 -3.49 -15.14
C GLY B 485 9.07 -4.46 -16.16
N LEU B 486 8.34 -5.46 -15.65
CA LEU B 486 7.81 -6.49 -16.53
C LEU B 486 6.80 -5.93 -17.56
N GLU B 487 5.83 -5.12 -17.11
CA GLU B 487 4.90 -4.47 -18.02
C GLU B 487 5.64 -3.78 -19.18
N ARG B 488 6.81 -3.21 -18.89
CA ARG B 488 7.55 -2.48 -19.94
C ARG B 488 8.28 -3.41 -20.89
N TRP B 489 8.84 -4.51 -20.40
CA TRP B 489 9.42 -5.53 -21.27
C TRP B 489 8.33 -6.04 -22.21
N ALA B 490 7.12 -6.17 -21.68
CA ALA B 490 6.04 -6.72 -22.45
C ALA B 490 5.62 -5.72 -23.53
N ALA B 491 5.34 -4.46 -23.17
CA ALA B 491 5.06 -3.41 -24.14
C ALA B 491 6.05 -3.45 -25.28
N VAL B 492 7.34 -3.50 -24.92
CA VAL B 492 8.40 -3.40 -25.93
C VAL B 492 8.48 -4.65 -26.82
N PHE B 493 8.50 -5.83 -26.20
CA PHE B 493 8.65 -7.07 -26.95
C PHE B 493 7.44 -7.32 -27.85
N LEU B 494 6.25 -7.02 -27.34
CA LEU B 494 5.02 -7.20 -28.13
C LEU B 494 4.77 -6.14 -29.19
N ALA B 495 5.22 -4.90 -28.97
CA ALA B 495 5.09 -3.88 -30.01
C ALA B 495 5.97 -4.19 -31.20
N GLN B 496 7.11 -4.84 -30.96
CA GLN B 496 8.09 -5.14 -32.00
C GLN B 496 7.90 -6.51 -32.65
N LYS B 497 7.33 -7.46 -31.93
CA LYS B 497 7.20 -8.82 -32.45
C LYS B 497 5.77 -9.30 -32.69
N GLY B 498 4.78 -8.62 -32.11
CA GLY B 498 3.42 -9.09 -32.22
C GLY B 498 3.09 -10.15 -31.19
N LEU B 499 1.87 -10.67 -31.23
CA LEU B 499 1.40 -11.65 -30.25
C LEU B 499 1.39 -13.09 -30.78
N ASP B 500 1.59 -13.27 -32.10
CA ASP B 500 1.67 -14.61 -32.67
C ASP B 500 3.08 -15.09 -32.45
N PRO B 501 3.22 -16.22 -31.70
CA PRO B 501 4.47 -16.92 -31.37
C PRO B 501 5.33 -17.28 -32.57
N ALA B 502 4.69 -17.60 -33.70
CA ALA B 502 5.42 -17.94 -34.92
C ALA B 502 6.47 -16.89 -35.29
N ASN B 503 6.15 -15.61 -35.07
CA ASN B 503 7.06 -14.53 -35.44
C ASN B 503 8.05 -14.11 -34.36
N TRP B 504 7.97 -14.73 -33.18
CA TRP B 504 8.92 -14.44 -32.11
C TRP B 504 10.27 -15.06 -32.40
N PRO B 505 11.34 -14.56 -31.74
CA PRO B 505 12.66 -15.21 -31.82
C PRO B 505 12.51 -16.62 -31.30
N GLU B 506 13.15 -17.58 -31.95
CA GLU B 506 12.92 -18.97 -31.55
C GLU B 506 13.63 -19.30 -30.24
N GLU B 507 14.62 -18.48 -29.89
CA GLU B 507 15.27 -18.54 -28.58
C GLU B 507 14.32 -18.17 -27.45
N PHE B 508 13.41 -17.25 -27.71
CA PHE B 508 12.36 -16.90 -26.77
C PHE B 508 11.30 -18.01 -26.72
N ARG B 509 10.97 -18.54 -27.89
CA ARG B 509 9.87 -19.51 -28.04
C ARG B 509 10.12 -20.82 -27.29
N ASN B 510 11.40 -21.17 -27.13
CA ASN B 510 11.83 -22.27 -26.29
C ASN B 510 11.52 -21.99 -24.82
N ARG B 511 11.84 -20.78 -24.37
CA ARG B 511 11.62 -20.41 -22.96
C ARG B 511 10.14 -20.48 -22.58
N VAL B 512 9.26 -20.16 -23.52
CA VAL B 512 7.83 -20.02 -23.25
C VAL B 512 7.09 -21.34 -23.15
N GLY B 513 7.63 -22.39 -23.75
CA GLY B 513 6.91 -23.66 -23.88
C GLY B 513 5.67 -23.42 -24.74
N GLU B 514 4.60 -24.16 -24.48
CA GLU B 514 3.36 -24.00 -25.22
C GLU B 514 2.45 -22.92 -24.62
N MET B 515 2.01 -21.96 -25.43
CA MET B 515 1.18 -20.85 -24.93
C MET B 515 -0.17 -21.38 -24.42
N PRO B 516 -0.58 -20.94 -23.21
CA PRO B 516 -1.86 -21.35 -22.63
C PRO B 516 -3.04 -20.71 -23.32
N LYS B 517 -4.22 -21.29 -23.16
CA LYS B 517 -5.46 -20.70 -23.69
C LYS B 517 -6.01 -19.65 -22.73
N GLY B 518 -6.48 -18.54 -23.28
CA GLY B 518 -7.22 -17.56 -22.50
C GLY B 518 -8.57 -18.06 -22.03
N ILE B 519 -9.27 -17.27 -21.22
CA ILE B 519 -10.63 -17.61 -20.86
C ILE B 519 -11.56 -16.98 -21.88
N ARG B 520 -12.11 -17.81 -22.77
CA ARG B 520 -13.01 -17.35 -23.83
C ARG B 520 -14.36 -17.02 -23.23
N PHE B 521 -14.85 -15.83 -23.54
CA PHE B 521 -16.20 -15.44 -23.14
C PHE B 521 -17.10 -15.51 -24.35
N LEU B 522 -18.40 -15.33 -24.15
CA LEU B 522 -19.41 -15.38 -25.22
C LEU B 522 -19.40 -14.05 -26.01
#